data_5I3C
#
_entry.id   5I3C
#
_cell.length_a   120.030
_cell.length_b   120.030
_cell.length_c   238.141
_cell.angle_alpha   90.00
_cell.angle_beta   90.00
_cell.angle_gamma   120.00
#
_symmetry.space_group_name_H-M   'P 61 2 2'
#
loop_
_entity.id
_entity.type
_entity.pdbx_description
1 polymer 'Purine nucleoside phosphorylase DeoD-type'
2 non-polymer 9-HYROXYETHOXYMETHYLGUANINE
3 non-polymer 'SULFATE ION'
4 water water
#
_entity_poly.entity_id   1
_entity_poly.type   'polypeptide(L)'
_entity_poly.pdbx_seq_one_letter_code
;ATPHINAEMGDFADVVLMPGDPLRAKYIAETFLEDAREVNNVRGMLGFTGTYKGRKISVMGHGMGIPSCSIYTKELITDF
GVKKIIRVGSCGAVLPHVKLRDVVIGMGACTDSKVNRIRFKDHDFAAIADFDMVRNAVDAAKALGIDARVGNLFSADLFY
SPDGEMFDVMEKYGILGVEMEAAGIYGVAAEFGAKALTICTVSDHIRTHEQTTAAERQTTFNDMIKIALESVLLGDK
;
_entity_poly.pdbx_strand_id   A,B,C
#
loop_
_chem_comp.id
_chem_comp.type
_chem_comp.name
_chem_comp.formula
AC2 non-polymer 9-HYROXYETHOXYMETHYLGUANINE 'C8 H11 N5 O3'
SO4 non-polymer 'SULFATE ION' 'O4 S -2'
#
# COMPACT_ATOMS: atom_id res chain seq x y z
N ALA A 1 28.55 -20.97 18.60
CA ALA A 1 28.72 -19.70 17.84
C ALA A 1 27.68 -19.60 16.72
N THR A 2 27.27 -18.37 16.45
CA THR A 2 26.34 -18.07 15.37
C THR A 2 27.14 -17.26 14.37
N PRO A 3 26.58 -16.99 13.19
CA PRO A 3 27.39 -16.23 12.21
C PRO A 3 27.81 -14.83 12.64
N HIS A 4 27.17 -14.26 13.66
CA HIS A 4 27.56 -12.92 14.14
C HIS A 4 28.01 -12.83 15.60
N ILE A 5 27.95 -13.92 16.35
CA ILE A 5 28.38 -13.96 17.75
C ILE A 5 29.31 -15.17 17.94
N ASN A 6 30.59 -14.90 18.17
CA ASN A 6 31.57 -15.96 18.42
C ASN A 6 31.64 -16.29 19.91
N ALA A 7 30.70 -17.10 20.35
CA ALA A 7 30.55 -17.42 21.76
C ALA A 7 29.81 -18.72 21.86
N GLU A 8 29.65 -19.23 23.06
CA GLU A 8 29.01 -20.52 23.24
C GLU A 8 27.94 -20.40 24.33
N MET A 9 26.98 -21.33 24.29
CA MET A 9 25.89 -21.40 25.25
C MET A 9 26.50 -21.29 26.65
N GLY A 10 25.98 -20.35 27.43
CA GLY A 10 26.46 -20.06 28.77
C GLY A 10 27.24 -18.76 28.85
N ASP A 11 27.84 -18.34 27.74
CA ASP A 11 28.63 -17.10 27.77
C ASP A 11 27.80 -15.85 28.02
N PHE A 12 26.52 -15.89 27.66
CA PHE A 12 25.60 -14.80 27.99
C PHE A 12 24.70 -15.18 29.17
N ALA A 13 24.34 -14.19 29.95
CA ALA A 13 23.25 -14.30 30.92
C ALA A 13 21.97 -14.48 30.15
N ASP A 14 20.92 -14.81 30.87
CA ASP A 14 19.60 -14.94 30.24
C ASP A 14 18.94 -13.57 30.04
N VAL A 15 19.57 -12.51 30.52
CA VAL A 15 19.17 -11.14 30.22
C VAL A 15 20.33 -10.42 29.52
N VAL A 16 20.04 -9.69 28.45
CA VAL A 16 21.07 -8.91 27.78
C VAL A 16 20.63 -7.46 27.64
N LEU A 17 21.38 -6.55 28.24
CA LEU A 17 21.24 -5.12 27.94
C LEU A 17 21.88 -4.84 26.59
N MET A 18 21.23 -4.00 25.77
CA MET A 18 21.79 -3.70 24.45
C MET A 18 21.72 -2.22 24.06
N PRO A 19 22.87 -1.49 24.11
CA PRO A 19 22.96 -0.20 23.45
C PRO A 19 23.20 -0.38 21.98
N GLY A 20 23.02 0.67 21.19
CA GLY A 20 23.38 0.62 19.77
C GLY A 20 24.87 0.50 19.60
N ASP A 21 25.59 1.27 20.39
CA ASP A 21 27.04 1.43 20.27
C ASP A 21 27.77 0.32 21.08
N PRO A 22 28.59 -0.50 20.40
CA PRO A 22 29.42 -1.48 21.15
C PRO A 22 30.42 -0.83 22.13
N LEU A 23 30.94 0.36 21.83
CA LEU A 23 31.76 1.11 22.78
C LEU A 23 30.98 1.44 24.06
N ARG A 24 29.68 1.74 23.95
CA ARG A 24 28.86 1.91 25.14
C ARG A 24 28.56 0.62 25.88
N ALA A 25 28.57 -0.52 25.19
CA ALA A 25 28.49 -1.82 25.90
C ALA A 25 29.68 -1.99 26.82
N LYS A 26 30.88 -1.62 26.35
CA LYS A 26 32.10 -1.68 27.15
C LYS A 26 32.05 -0.69 28.31
N TYR A 27 31.57 0.53 28.03
CA TYR A 27 31.29 1.50 29.08
C TYR A 27 30.42 0.92 30.20
N ILE A 28 29.33 0.24 29.81
CA ILE A 28 28.39 -0.33 30.77
C ILE A 28 28.99 -1.48 31.56
N ALA A 29 29.66 -2.40 30.87
CA ALA A 29 30.31 -3.55 31.53
C ALA A 29 31.33 -3.06 32.57
N GLU A 30 32.20 -2.17 32.11
CA GLU A 30 33.26 -1.60 32.93
C GLU A 30 32.73 -0.82 34.13
N THR A 31 31.71 0.00 33.92
CA THR A 31 31.16 0.84 34.98
C THR A 31 30.28 0.08 35.96
N PHE A 32 29.48 -0.87 35.48
CA PHE A 32 28.40 -1.46 36.31
C PHE A 32 28.53 -2.93 36.62
N LEU A 33 29.37 -3.67 35.88
CA LEU A 33 29.48 -5.11 36.12
C LEU A 33 30.77 -5.49 36.82
N GLU A 34 30.68 -6.44 37.74
CA GLU A 34 31.85 -7.04 38.37
C GLU A 34 32.27 -8.29 37.59
N ASP A 35 33.57 -8.59 37.57
CA ASP A 35 34.08 -9.83 36.95
C ASP A 35 33.65 -9.93 35.49
N ALA A 36 33.73 -8.79 34.80
CA ALA A 36 33.22 -8.67 33.46
C ALA A 36 34.25 -9.22 32.49
N ARG A 37 33.80 -10.09 31.60
CA ARG A 37 34.64 -10.69 30.56
C ARG A 37 33.99 -10.38 29.21
N GLU A 38 34.83 -10.07 28.22
CA GLU A 38 34.37 -9.93 26.85
C GLU A 38 34.03 -11.31 26.26
N VAL A 39 32.84 -11.44 25.68
CA VAL A 39 32.34 -12.70 25.09
C VAL A 39 32.10 -12.66 23.57
N ASN A 40 32.18 -11.47 22.96
CA ASN A 40 32.08 -11.35 21.50
C ASN A 40 32.82 -10.16 20.97
N ASN A 41 33.44 -10.36 19.81
CA ASN A 41 34.07 -9.28 19.05
C ASN A 41 33.87 -9.36 17.53
N VAL A 42 33.06 -10.30 17.05
CA VAL A 42 32.79 -10.38 15.62
C VAL A 42 32.20 -9.05 15.16
N ARG A 43 32.74 -8.54 14.06
CA ARG A 43 32.39 -7.25 13.48
C ARG A 43 32.53 -6.05 14.41
N GLY A 44 33.31 -6.20 15.48
CA GLY A 44 33.46 -5.15 16.50
C GLY A 44 32.25 -4.97 17.39
N MET A 45 31.33 -5.92 17.39
CA MET A 45 30.11 -5.75 18.18
C MET A 45 30.31 -6.37 19.56
N LEU A 46 31.04 -5.62 20.37
CA LEU A 46 31.50 -6.07 21.69
C LEU A 46 30.34 -6.51 22.58
N GLY A 47 30.45 -7.71 23.14
CA GLY A 47 29.53 -8.17 24.15
C GLY A 47 30.29 -8.60 25.39
N PHE A 48 29.67 -8.39 26.55
CA PHE A 48 30.29 -8.67 27.84
C PHE A 48 29.33 -9.37 28.77
N THR A 49 29.89 -10.12 29.71
CA THR A 49 29.14 -10.77 30.77
C THR A 49 29.87 -10.62 32.11
N GLY A 50 29.09 -10.34 33.14
CA GLY A 50 29.59 -10.13 34.49
C GLY A 50 28.41 -10.23 35.43
N THR A 51 28.52 -9.58 36.59
CA THR A 51 27.47 -9.61 37.62
C THR A 51 27.16 -8.21 38.13
N TYR A 52 25.90 -8.02 38.49
CA TYR A 52 25.40 -6.81 39.09
C TYR A 52 24.69 -7.25 40.34
N LYS A 53 25.19 -6.80 41.50
CA LYS A 53 24.73 -7.29 42.80
C LYS A 53 24.48 -8.81 42.82
N GLY A 54 25.46 -9.56 42.33
CA GLY A 54 25.41 -11.04 42.34
C GLY A 54 24.63 -11.72 41.22
N ARG A 55 23.99 -10.93 40.37
CA ARG A 55 23.11 -11.46 39.33
C ARG A 55 23.88 -11.42 38.01
N LYS A 56 23.96 -12.56 37.35
CA LYS A 56 24.62 -12.68 36.05
C LYS A 56 23.86 -11.83 35.01
N ILE A 57 24.58 -10.97 34.29
CA ILE A 57 24.01 -10.01 33.34
C ILE A 57 24.95 -9.85 32.16
N SER A 58 24.41 -9.76 30.95
CA SER A 58 25.21 -9.42 29.80
C SER A 58 24.82 -8.09 29.20
N VAL A 59 25.76 -7.50 28.46
CA VAL A 59 25.54 -6.26 27.76
C VAL A 59 26.28 -6.38 26.43
N MET A 60 25.60 -6.03 25.35
CA MET A 60 26.20 -6.15 24.02
C MET A 60 25.56 -5.16 23.07
N GLY A 61 26.37 -4.55 22.22
CA GLY A 61 25.85 -3.67 21.19
C GLY A 61 24.97 -4.38 20.16
N HIS A 62 24.07 -3.61 19.55
CA HIS A 62 23.21 -4.17 18.49
C HIS A 62 23.35 -3.50 17.14
N GLY A 63 24.14 -2.42 17.06
CA GLY A 63 24.25 -1.62 15.83
C GLY A 63 23.05 -0.71 15.60
N MET A 64 23.16 0.19 14.64
CA MET A 64 22.07 1.07 14.35
C MET A 64 21.09 0.41 13.37
N GLY A 65 19.81 0.44 13.70
CA GLY A 65 18.77 0.04 12.77
C GLY A 65 18.13 -1.30 13.02
N ILE A 66 16.88 -1.40 12.59
CA ILE A 66 16.10 -2.63 12.75
C ILE A 66 16.80 -3.88 12.20
N PRO A 67 17.33 -3.82 10.97
CA PRO A 67 17.96 -5.03 10.41
C PRO A 67 19.18 -5.53 11.21
N SER A 68 19.96 -4.60 11.76
CA SER A 68 21.11 -4.95 12.59
C SER A 68 20.66 -5.57 13.91
N CYS A 69 19.82 -4.85 14.66
CA CYS A 69 19.43 -5.36 15.98
C CYS A 69 18.56 -6.63 15.88
N SER A 70 17.87 -6.82 14.75
CA SER A 70 17.11 -8.06 14.53
C SER A 70 18.01 -9.30 14.43
N ILE A 71 19.18 -9.17 13.81
CA ILE A 71 20.15 -10.26 13.77
C ILE A 71 20.61 -10.68 15.18
N TYR A 72 21.09 -9.70 15.95
CA TYR A 72 21.70 -10.00 17.22
C TYR A 72 20.68 -10.52 18.19
N THR A 73 19.51 -9.90 18.25
CA THR A 73 18.49 -10.31 19.21
C THR A 73 17.97 -11.72 18.89
N LYS A 74 17.75 -12.01 17.61
CA LYS A 74 17.38 -13.35 17.20
C LYS A 74 18.40 -14.42 17.64
N GLU A 75 19.68 -14.20 17.32
CA GLU A 75 20.71 -15.21 17.59
C GLU A 75 20.86 -15.39 19.10
N LEU A 76 20.83 -14.30 19.84
CA LEU A 76 20.82 -14.38 21.30
C LEU A 76 19.67 -15.25 21.83
N ILE A 77 18.46 -15.04 21.30
CA ILE A 77 17.28 -15.78 21.75
C ILE A 77 17.32 -17.28 21.38
N THR A 78 17.62 -17.60 20.13
CA THR A 78 17.54 -18.98 19.66
C THR A 78 18.80 -19.81 19.93
N ASP A 79 19.95 -19.18 20.13
CA ASP A 79 21.20 -19.93 20.32
C ASP A 79 21.93 -19.74 21.65
N PHE A 80 21.56 -18.72 22.43
CA PHE A 80 22.24 -18.42 23.68
C PHE A 80 21.35 -18.39 24.91
N GLY A 81 20.12 -18.90 24.77
CA GLY A 81 19.21 -19.05 25.90
C GLY A 81 18.70 -17.77 26.53
N VAL A 82 18.83 -16.65 25.80
CA VAL A 82 18.48 -15.33 26.32
C VAL A 82 16.97 -15.22 26.32
N LYS A 83 16.40 -14.80 27.45
CA LYS A 83 14.97 -14.67 27.64
C LYS A 83 14.47 -13.24 27.68
N LYS A 84 15.31 -12.29 28.11
CA LYS A 84 14.96 -10.88 28.15
C LYS A 84 16.01 -10.02 27.44
N ILE A 85 15.57 -9.14 26.56
CA ILE A 85 16.44 -8.13 25.96
C ILE A 85 15.99 -6.79 26.47
N ILE A 86 16.92 -5.98 26.96
CA ILE A 86 16.61 -4.60 27.26
C ILE A 86 17.46 -3.68 26.42
N ARG A 87 16.86 -3.05 25.42
CA ARG A 87 17.52 -2.00 24.70
C ARG A 87 17.65 -0.79 25.60
N VAL A 88 18.83 -0.20 25.61
CA VAL A 88 19.14 1.00 26.40
C VAL A 88 19.80 1.98 25.46
N GLY A 89 19.04 2.98 25.01
CA GLY A 89 19.45 3.82 23.86
C GLY A 89 19.18 5.29 24.02
N SER A 90 19.38 6.03 22.93
CA SER A 90 19.00 7.42 22.87
C SER A 90 17.82 7.55 21.91
N CYS A 91 17.11 8.66 22.02
CA CYS A 91 16.05 9.00 21.09
C CYS A 91 15.85 10.51 21.00
N GLY A 92 15.17 10.92 19.93
CA GLY A 92 14.82 12.31 19.68
C GLY A 92 13.37 12.55 20.01
N ALA A 93 13.06 13.70 20.61
CA ALA A 93 11.72 13.99 21.05
C ALA A 93 11.05 14.85 20.02
N VAL A 94 9.73 14.70 19.91
CA VAL A 94 8.92 15.59 19.08
C VAL A 94 7.88 16.36 19.87
N LEU A 95 7.55 15.92 21.09
CA LEU A 95 6.52 16.60 21.90
C LEU A 95 7.15 17.76 22.68
N PRO A 96 6.43 18.88 22.82
CA PRO A 96 6.97 20.00 23.64
C PRO A 96 7.24 19.63 25.09
N HIS A 97 6.27 18.98 25.74
CA HIS A 97 6.42 18.58 27.15
C HIS A 97 7.53 17.52 27.44
N VAL A 98 8.10 16.89 26.41
CA VAL A 98 9.16 15.89 26.60
C VAL A 98 10.51 16.57 26.51
N LYS A 99 11.28 16.50 27.59
CA LYS A 99 12.52 17.25 27.72
C LYS A 99 13.75 16.41 27.52
N LEU A 100 14.85 17.10 27.21
CA LEU A 100 16.17 16.50 27.21
C LEU A 100 16.38 15.85 28.56
N ARG A 101 16.95 14.67 28.53
CA ARG A 101 17.18 13.87 29.72
C ARG A 101 15.94 13.26 30.39
N ASP A 102 14.75 13.32 29.78
CA ASP A 102 13.65 12.47 30.26
C ASP A 102 13.99 11.01 29.92
N VAL A 103 13.70 10.10 30.84
CA VAL A 103 13.77 8.66 30.54
C VAL A 103 12.44 8.20 29.96
N VAL A 104 12.46 7.66 28.74
CA VAL A 104 11.22 7.14 28.14
C VAL A 104 11.30 5.62 27.98
N ILE A 105 10.20 4.97 28.32
CA ILE A 105 10.08 3.53 28.25
C ILE A 105 9.09 3.28 27.12
N GLY A 106 9.52 2.52 26.12
CA GLY A 106 8.73 2.17 24.95
C GLY A 106 7.80 1.00 25.17
N MET A 107 6.61 1.27 25.67
CA MET A 107 5.60 0.21 25.85
C MET A 107 5.21 -0.37 24.48
N GLY A 108 5.16 0.51 23.50
CA GLY A 108 4.94 0.15 22.13
C GLY A 108 5.91 0.87 21.23
N ALA A 109 6.03 0.41 19.99
CA ALA A 109 6.88 1.07 19.03
C ALA A 109 6.23 1.07 17.67
N CYS A 110 5.92 2.27 17.18
CA CYS A 110 5.53 2.51 15.79
C CYS A 110 6.77 2.39 14.92
N THR A 111 6.56 2.27 13.62
CA THR A 111 7.69 2.17 12.70
C THR A 111 7.26 2.48 11.29
N ASP A 112 8.22 2.90 10.47
CA ASP A 112 8.03 2.99 9.02
C ASP A 112 8.72 1.85 8.29
N SER A 113 9.18 0.85 9.05
CA SER A 113 9.76 -0.34 8.46
C SER A 113 8.64 -1.25 7.98
N LYS A 114 9.04 -2.19 7.12
CA LYS A 114 8.13 -3.17 6.61
C LYS A 114 8.30 -4.50 7.28
N VAL A 115 9.19 -4.62 8.28
CA VAL A 115 9.48 -5.97 8.83
C VAL A 115 8.30 -6.67 9.51
N ASN A 116 7.51 -5.92 10.26
CA ASN A 116 6.34 -6.50 10.91
C ASN A 116 5.21 -6.79 9.93
N ARG A 117 5.09 -5.98 8.90
CA ARG A 117 4.16 -6.30 7.82
C ARG A 117 4.50 -7.59 7.11
N ILE A 118 5.80 -7.82 6.85
CA ILE A 118 6.29 -9.07 6.29
C ILE A 118 5.93 -10.24 7.18
N ARG A 119 6.08 -10.10 8.48
CA ARG A 119 5.71 -11.14 9.43
C ARG A 119 4.19 -11.37 9.57
N PHE A 120 3.38 -10.35 9.37
CA PHE A 120 2.02 -10.36 9.86
C PHE A 120 1.01 -10.17 8.71
N LYS A 121 1.36 -10.73 7.55
CA LYS A 121 0.54 -10.77 6.34
C LYS A 121 0.04 -9.39 5.91
N ASP A 122 0.93 -8.41 6.03
CA ASP A 122 0.64 -7.04 5.62
C ASP A 122 -0.45 -6.33 6.47
N HIS A 123 -0.76 -6.88 7.65
CA HIS A 123 -1.63 -6.21 8.61
C HIS A 123 -0.81 -5.44 9.61
N ASP A 124 -1.48 -4.72 10.50
CA ASP A 124 -0.83 -3.94 11.56
C ASP A 124 -0.51 -4.82 12.77
N PHE A 125 0.76 -5.13 12.98
CA PHE A 125 1.20 -5.76 14.21
C PHE A 125 1.54 -4.65 15.20
N ALA A 126 0.94 -4.67 16.39
CA ALA A 126 1.31 -3.67 17.40
C ALA A 126 2.57 -4.18 18.11
N ALA A 127 3.72 -3.60 17.76
CA ALA A 127 5.00 -4.04 18.33
C ALA A 127 5.06 -3.54 19.76
N ILE A 128 4.94 -4.45 20.72
CA ILE A 128 4.86 -4.07 22.14
C ILE A 128 5.94 -4.76 22.97
N ALA A 129 6.30 -4.12 24.08
CA ALA A 129 7.21 -4.68 25.07
C ALA A 129 6.48 -5.69 25.92
N ASP A 130 7.23 -6.51 26.65
CA ASP A 130 6.66 -7.34 27.72
C ASP A 130 6.16 -6.48 28.89
N PHE A 131 4.91 -6.68 29.28
CA PHE A 131 4.28 -5.85 30.29
C PHE A 131 5.05 -5.83 31.63
N ASP A 132 5.46 -7.01 32.10
CA ASP A 132 6.14 -7.13 33.40
C ASP A 132 7.48 -6.39 33.37
N MET A 133 8.19 -6.52 32.26
CA MET A 133 9.44 -5.79 32.07
C MET A 133 9.22 -4.29 32.12
N VAL A 134 8.11 -3.82 31.53
CA VAL A 134 7.77 -2.38 31.54
C VAL A 134 7.49 -1.92 32.97
N ARG A 135 6.71 -2.68 33.73
CA ARG A 135 6.40 -2.25 35.08
C ARG A 135 7.58 -2.38 36.07
N ASN A 136 8.39 -3.42 35.91
CA ASN A 136 9.69 -3.51 36.63
C ASN A 136 10.56 -2.27 36.39
N ALA A 137 10.62 -1.81 35.14
CA ALA A 137 11.37 -0.59 34.81
C ALA A 137 10.75 0.64 35.45
N VAL A 138 9.42 0.78 35.42
CA VAL A 138 8.78 1.95 36.01
C VAL A 138 9.05 2.02 37.53
N ASP A 139 8.93 0.87 38.19
CA ASP A 139 9.15 0.77 39.64
C ASP A 139 10.61 0.98 40.02
N ALA A 140 11.54 0.39 39.26
CA ALA A 140 12.97 0.64 39.46
C ALA A 140 13.31 2.11 39.32
N ALA A 141 12.64 2.81 38.41
CA ALA A 141 12.86 4.24 38.23
C ALA A 141 12.25 5.06 39.36
N LYS A 142 11.09 4.64 39.85
CA LYS A 142 10.45 5.32 40.97
C LYS A 142 11.29 5.19 42.26
N ALA A 143 11.88 4.02 42.50
CA ALA A 143 12.78 3.81 43.66
C ALA A 143 14.03 4.72 43.59
N LEU A 144 14.51 5.00 42.38
CA LEU A 144 15.63 5.93 42.20
C LEU A 144 15.20 7.40 42.14
N GLY A 145 13.93 7.71 42.38
CA GLY A 145 13.46 9.09 42.31
C GLY A 145 13.24 9.65 40.92
N ILE A 146 13.09 8.79 39.91
CA ILE A 146 12.87 9.21 38.52
C ILE A 146 11.46 8.86 38.04
N ASP A 147 10.87 9.81 37.31
CA ASP A 147 9.53 9.63 36.79
C ASP A 147 9.62 9.34 35.28
N ALA A 148 9.65 8.06 34.95
CA ALA A 148 9.78 7.63 33.57
C ALA A 148 8.47 7.86 32.84
N ARG A 149 8.57 8.29 31.58
CA ARG A 149 7.42 8.41 30.71
C ARG A 149 7.26 7.10 29.96
N VAL A 150 6.04 6.55 29.97
CA VAL A 150 5.75 5.30 29.30
C VAL A 150 4.78 5.56 28.15
N GLY A 151 5.11 5.08 26.97
CA GLY A 151 4.28 5.28 25.79
C GLY A 151 4.91 4.72 24.53
N ASN A 152 4.61 5.35 23.40
CA ASN A 152 5.07 4.88 22.09
C ASN A 152 6.37 5.53 21.66
N LEU A 153 7.25 4.69 21.14
CA LEU A 153 8.41 5.13 20.41
C LEU A 153 8.05 5.08 18.92
N PHE A 154 8.88 5.72 18.11
CA PHE A 154 8.88 5.51 16.68
C PHE A 154 10.25 5.04 16.24
N SER A 155 10.27 3.86 15.62
CA SER A 155 11.48 3.22 15.12
C SER A 155 11.58 3.54 13.64
N ALA A 156 12.48 4.46 13.33
CA ALA A 156 12.67 4.94 11.98
C ALA A 156 13.75 4.13 11.26
N ASP A 157 13.51 3.88 9.98
CA ASP A 157 14.51 3.31 9.08
C ASP A 157 15.48 4.41 8.58
N LEU A 158 15.02 5.65 8.42
CA LEU A 158 15.87 6.73 7.92
C LEU A 158 16.09 7.79 9.00
N PHE A 159 17.29 7.77 9.60
CA PHE A 159 17.77 8.84 10.48
C PHE A 159 17.64 10.21 9.83
N TYR A 160 18.08 10.29 8.56
CA TYR A 160 17.93 11.49 7.71
C TYR A 160 16.69 11.26 6.87
N SER A 161 15.56 11.72 7.41
CA SER A 161 14.27 11.48 6.81
C SER A 161 14.11 12.34 5.56
N PRO A 162 13.61 11.75 4.44
CA PRO A 162 13.34 12.49 3.19
C PRO A 162 12.40 13.66 3.38
N ASP A 163 11.32 13.48 4.15
CA ASP A 163 10.53 14.64 4.60
C ASP A 163 10.05 14.55 6.06
N GLY A 164 10.30 15.65 6.77
CA GLY A 164 9.97 15.79 8.16
C GLY A 164 8.53 16.14 8.47
N GLU A 165 7.61 16.06 7.50
CA GLU A 165 6.17 16.14 7.83
C GLU A 165 5.76 15.00 8.76
N MET A 166 6.47 13.87 8.67
CA MET A 166 6.22 12.76 9.57
C MET A 166 6.46 13.09 11.06
N PHE A 167 7.37 13.99 11.38
CA PHE A 167 7.56 14.41 12.78
C PHE A 167 6.31 15.08 13.36
N ASP A 168 5.61 15.89 12.56
CA ASP A 168 4.34 16.51 13.01
C ASP A 168 3.29 15.45 13.28
N VAL A 169 3.23 14.43 12.42
CA VAL A 169 2.30 13.31 12.62
C VAL A 169 2.65 12.54 13.90
N MET A 170 3.94 12.25 14.10
CA MET A 170 4.40 11.62 15.32
C MET A 170 3.97 12.42 16.54
N GLU A 171 4.13 13.74 16.47
CA GLU A 171 3.75 14.63 17.54
C GLU A 171 2.23 14.63 17.81
N LYS A 172 1.43 14.72 16.75
CA LYS A 172 -0.04 14.62 16.89
C LYS A 172 -0.47 13.33 17.61
N TYR A 173 0.15 12.20 17.27
CA TYR A 173 -0.24 10.92 17.85
C TYR A 173 0.54 10.51 19.12
N GLY A 174 1.24 11.45 19.74
CA GLY A 174 1.73 11.24 21.10
C GLY A 174 3.03 10.45 21.24
N ILE A 175 3.78 10.35 20.14
CA ILE A 175 5.05 9.62 20.14
C ILE A 175 6.03 10.30 21.11
N LEU A 176 6.57 9.52 22.04
CA LEU A 176 7.46 10.04 23.08
C LEU A 176 8.90 10.24 22.62
N GLY A 177 9.37 9.37 21.74
CA GLY A 177 10.71 9.46 21.19
C GLY A 177 10.88 8.69 19.89
N VAL A 178 11.86 9.16 19.11
CA VAL A 178 12.21 8.59 17.83
C VAL A 178 13.58 7.95 17.96
N GLU A 179 13.65 6.65 17.66
CA GLU A 179 14.90 5.90 17.63
C GLU A 179 14.85 4.98 16.42
N MET A 180 15.60 3.87 16.40
CA MET A 180 15.74 3.08 15.17
C MET A 180 15.67 1.57 15.33
N GLU A 181 15.11 1.07 16.43
CA GLU A 181 15.24 -0.35 16.79
C GLU A 181 14.04 -1.04 17.44
N ALA A 182 13.39 -0.37 18.38
CA ALA A 182 12.41 -0.99 19.27
C ALA A 182 11.40 -1.89 18.55
N ALA A 183 10.83 -1.39 17.47
CA ALA A 183 9.78 -2.13 16.75
C ALA A 183 10.30 -3.44 16.17
N GLY A 184 11.53 -3.39 15.67
CA GLY A 184 12.25 -4.58 15.21
C GLY A 184 12.50 -5.59 16.31
N ILE A 185 12.91 -5.11 17.48
CA ILE A 185 13.25 -5.97 18.60
C ILE A 185 12.00 -6.64 19.18
N TYR A 186 10.93 -5.85 19.28
CA TYR A 186 9.66 -6.36 19.72
C TYR A 186 9.06 -7.37 18.74
N GLY A 187 9.33 -7.18 17.45
CA GLY A 187 8.97 -8.15 16.45
C GLY A 187 9.70 -9.48 16.56
N VAL A 188 11.01 -9.42 16.75
CA VAL A 188 11.84 -10.62 16.94
C VAL A 188 11.40 -11.35 18.20
N ALA A 189 11.19 -10.62 19.29
CA ALA A 189 10.74 -11.20 20.57
C ALA A 189 9.42 -11.98 20.45
N ALA A 190 8.49 -11.43 19.68
CA ALA A 190 7.22 -12.09 19.44
C ALA A 190 7.42 -13.25 18.47
N GLU A 191 8.26 -13.08 17.44
CA GLU A 191 8.49 -14.17 16.49
C GLU A 191 9.07 -15.43 17.18
N PHE A 192 10.05 -15.20 18.06
CA PHE A 192 10.88 -16.27 18.62
C PHE A 192 10.55 -16.53 20.09
N GLY A 193 9.46 -15.97 20.61
CA GLY A 193 8.95 -16.33 21.94
C GLY A 193 9.73 -15.84 23.17
N ALA A 194 10.35 -14.67 23.09
CA ALA A 194 11.06 -14.09 24.24
C ALA A 194 10.42 -12.77 24.68
N LYS A 195 11.07 -12.07 25.61
CA LYS A 195 10.57 -10.80 26.14
C LYS A 195 11.57 -9.66 25.90
N ALA A 196 11.05 -8.46 25.65
CA ALA A 196 11.89 -7.35 25.31
C ALA A 196 11.33 -6.04 25.82
N LEU A 197 12.22 -5.07 26.01
CA LEU A 197 11.88 -3.72 26.42
C LEU A 197 12.90 -2.75 25.87
N THR A 198 12.42 -1.59 25.46
CA THR A 198 13.28 -0.50 25.10
C THR A 198 13.11 0.67 26.07
N ILE A 199 14.25 1.11 26.61
CA ILE A 199 14.33 2.31 27.44
C ILE A 199 15.26 3.27 26.70
N CYS A 200 14.88 4.53 26.56
CA CYS A 200 15.75 5.51 25.93
C CYS A 200 15.86 6.77 26.79
N THR A 201 16.98 7.49 26.65
CA THR A 201 17.08 8.87 27.13
C THR A 201 16.92 9.80 25.95
N VAL A 202 16.34 10.97 26.19
CA VAL A 202 16.14 11.97 25.15
C VAL A 202 17.45 12.71 24.89
N SER A 203 18.01 12.54 23.70
CA SER A 203 19.30 13.15 23.37
C SER A 203 19.14 14.44 22.58
N ASP A 204 17.94 14.69 22.11
CA ASP A 204 17.73 15.70 21.09
C ASP A 204 16.26 16.03 21.10
N HIS A 205 15.94 17.27 20.74
CA HIS A 205 14.58 17.70 20.50
C HIS A 205 14.57 18.14 19.05
N ILE A 206 13.94 17.34 18.20
CA ILE A 206 13.93 17.59 16.76
C ILE A 206 13.06 18.83 16.54
N ARG A 207 11.97 18.93 17.30
CA ARG A 207 11.22 20.19 17.48
C ARG A 207 12.08 21.24 18.21
N THR A 208 11.96 22.52 17.80
CA THR A 208 12.78 23.64 18.35
C THR A 208 14.30 23.34 18.05
N HIS A 209 15.38 23.88 18.65
CA HIS A 209 15.58 24.64 19.92
C HIS A 209 15.02 24.03 21.22
N GLU A 210 15.44 22.82 21.65
CA GLU A 210 16.80 22.21 21.53
C GLU A 210 17.87 22.94 22.39
N GLN A 211 17.43 23.81 23.31
CA GLN A 211 18.32 24.40 24.31
C GLN A 211 18.91 23.27 25.13
N THR A 212 20.18 23.43 25.53
CA THR A 212 21.06 22.29 25.82
C THR A 212 21.37 22.11 27.33
N THR A 213 22.07 21.01 27.63
CA THR A 213 22.44 20.59 28.99
C THR A 213 23.96 20.43 29.05
N ALA A 214 24.49 19.86 30.12
CA ALA A 214 25.93 19.76 30.36
C ALA A 214 26.54 18.35 30.09
N ALA A 215 25.98 17.35 30.75
CA ALA A 215 26.67 16.06 31.15
C ALA A 215 26.91 15.92 32.70
N GLU A 216 25.89 15.64 33.55
CA GLU A 216 24.40 15.81 33.36
C GLU A 216 23.64 14.84 32.41
N ARG A 217 23.76 14.99 31.09
CA ARG A 217 23.55 13.91 30.12
C ARG A 217 24.07 12.55 30.58
N GLN A 218 25.34 12.54 30.96
CA GLN A 218 26.00 11.31 31.36
C GLN A 218 25.42 10.75 32.64
N THR A 219 24.95 11.59 33.57
CA THR A 219 24.32 11.08 34.79
C THR A 219 22.91 10.53 34.49
N THR A 220 22.17 11.18 33.59
CA THR A 220 20.88 10.66 33.13
C THR A 220 21.10 9.32 32.37
N PHE A 221 22.14 9.24 31.54
CA PHE A 221 22.46 7.98 30.90
C PHE A 221 22.72 6.86 31.89
N ASN A 222 23.44 7.17 32.98
CA ASN A 222 23.71 6.18 34.02
C ASN A 222 22.47 5.79 34.77
N ASP A 223 21.53 6.73 34.93
CA ASP A 223 20.24 6.43 35.54
C ASP A 223 19.42 5.46 34.69
N MET A 224 19.42 5.65 33.36
CA MET A 224 18.80 4.67 32.47
C MET A 224 19.36 3.29 32.70
N ILE A 225 20.70 3.16 32.67
CA ILE A 225 21.33 1.85 32.86
C ILE A 225 20.99 1.29 34.24
N LYS A 226 20.96 2.12 35.27
CA LYS A 226 20.65 1.63 36.62
C LYS A 226 19.19 1.16 36.67
N ILE A 227 18.28 1.89 36.02
CA ILE A 227 16.89 1.47 35.89
C ILE A 227 16.78 0.10 35.23
N ALA A 228 17.51 -0.09 34.14
CA ALA A 228 17.51 -1.38 33.46
C ALA A 228 17.94 -2.52 34.36
N LEU A 229 19.07 -2.37 35.03
CA LEU A 229 19.65 -3.45 35.86
C LEU A 229 18.81 -3.73 37.08
N GLU A 230 18.34 -2.69 37.73
CA GLU A 230 17.44 -2.84 38.87
C GLU A 230 16.10 -3.45 38.48
N SER A 231 15.59 -3.14 37.28
CA SER A 231 14.34 -3.76 36.80
C SER A 231 14.49 -5.28 36.65
N VAL A 232 15.69 -5.71 36.28
CA VAL A 232 15.98 -7.15 36.18
C VAL A 232 15.89 -7.81 37.55
N LEU A 233 16.41 -7.15 38.57
CA LEU A 233 16.35 -7.66 39.94
C LEU A 233 14.91 -7.72 40.44
N LEU A 234 14.12 -6.69 40.16
CA LEU A 234 12.70 -6.75 40.46
C LEU A 234 12.03 -7.93 39.75
N GLY A 235 12.37 -8.17 38.47
CA GLY A 235 11.76 -9.25 37.69
C GLY A 235 12.08 -10.64 38.23
N ASP A 236 13.29 -10.80 38.80
CA ASP A 236 13.69 -12.05 39.48
C ASP A 236 12.83 -12.36 40.73
N LYS A 237 12.16 -11.33 41.31
CA LYS A 237 11.37 -11.34 42.56
C LYS A 237 12.29 -10.96 43.72
N ALA B 1 1.77 -19.99 -34.40
CA ALA B 1 0.86 -18.82 -34.23
C ALA B 1 0.43 -18.65 -32.78
N THR B 2 0.47 -17.41 -32.30
CA THR B 2 -0.02 -17.04 -30.96
C THR B 2 -1.26 -16.15 -31.07
N PRO B 3 -1.98 -15.94 -29.94
CA PRO B 3 -3.22 -15.17 -30.03
C PRO B 3 -3.11 -13.77 -30.63
N HIS B 4 -1.93 -13.14 -30.59
CA HIS B 4 -1.72 -11.81 -31.18
C HIS B 4 -0.72 -11.72 -32.33
N ILE B 5 -0.10 -12.85 -32.69
CA ILE B 5 0.90 -12.89 -33.76
C ILE B 5 0.65 -14.09 -34.69
N ASN B 6 0.10 -13.81 -35.88
CA ASN B 6 -0.07 -14.81 -36.96
C ASN B 6 1.23 -15.00 -37.77
N ALA B 7 2.04 -15.93 -37.29
CA ALA B 7 3.36 -16.26 -37.83
C ALA B 7 3.81 -17.57 -37.21
N GLU B 8 4.94 -18.10 -37.67
CA GLU B 8 5.42 -19.42 -37.20
C GLU B 8 6.89 -19.35 -36.76
N MET B 9 7.28 -20.33 -35.93
CA MET B 9 8.66 -20.46 -35.42
C MET B 9 9.64 -20.39 -36.59
N GLY B 10 10.40 -19.29 -36.65
CA GLY B 10 11.34 -19.02 -37.73
C GLY B 10 11.11 -17.69 -38.42
N ASP B 11 9.89 -17.17 -38.38
CA ASP B 11 9.55 -15.90 -39.07
C ASP B 11 10.21 -14.65 -38.48
N PHE B 12 10.57 -14.72 -37.20
CA PHE B 12 11.25 -13.63 -36.53
C PHE B 12 12.72 -13.98 -36.36
N ALA B 13 13.56 -12.95 -36.43
CA ALA B 13 14.93 -13.07 -35.94
C ALA B 13 14.93 -13.38 -34.44
N ASP B 14 16.10 -13.75 -33.92
CA ASP B 14 16.29 -13.93 -32.48
C ASP B 14 16.42 -12.58 -31.73
N VAL B 15 16.52 -11.48 -32.48
CA VAL B 15 16.49 -10.13 -31.96
C VAL B 15 15.37 -9.34 -32.63
N VAL B 16 14.57 -8.63 -31.83
CA VAL B 16 13.46 -7.83 -32.35
C VAL B 16 13.53 -6.42 -31.79
N LEU B 17 13.52 -5.42 -32.68
CA LEU B 17 13.38 -4.05 -32.28
C LEU B 17 11.90 -3.74 -32.20
N MET B 18 11.48 -3.04 -31.14
CA MET B 18 10.06 -2.75 -31.00
C MET B 18 9.82 -1.29 -30.67
N PRO B 19 9.35 -0.53 -31.65
CA PRO B 19 8.79 0.74 -31.34
C PRO B 19 7.35 0.52 -30.89
N GLY B 20 6.77 1.50 -30.21
CA GLY B 20 5.34 1.43 -29.88
C GLY B 20 4.42 1.52 -31.10
N ASP B 21 4.78 2.40 -32.02
CA ASP B 21 4.03 2.64 -33.23
C ASP B 21 4.32 1.53 -34.26
N PRO B 22 3.30 0.77 -34.67
CA PRO B 22 3.61 -0.20 -35.74
C PRO B 22 4.05 0.47 -37.08
N LEU B 23 3.58 1.69 -37.35
CA LEU B 23 3.95 2.46 -38.55
C LEU B 23 5.42 2.85 -38.58
N ARG B 24 6.01 3.07 -37.41
CA ARG B 24 7.44 3.25 -37.31
C ARG B 24 8.20 1.93 -37.46
N ALA B 25 7.60 0.81 -37.07
CA ALA B 25 8.20 -0.47 -37.39
C ALA B 25 8.31 -0.62 -38.92
N LYS B 26 7.28 -0.17 -39.63
CA LYS B 26 7.25 -0.20 -41.10
C LYS B 26 8.33 0.68 -41.71
N TYR B 27 8.39 1.93 -41.27
CA TYR B 27 9.45 2.85 -41.70
C TYR B 27 10.87 2.27 -41.48
N ILE B 28 11.07 1.61 -40.34
CA ILE B 28 12.35 0.99 -40.02
C ILE B 28 12.64 -0.18 -40.97
N ALA B 29 11.63 -0.98 -41.28
CA ALA B 29 11.79 -2.09 -42.20
C ALA B 29 12.15 -1.58 -43.62
N GLU B 30 11.50 -0.50 -44.04
CA GLU B 30 11.76 0.11 -45.34
C GLU B 30 13.14 0.77 -45.41
N THR B 31 13.44 1.59 -44.41
CA THR B 31 14.66 2.41 -44.38
C THR B 31 15.96 1.66 -44.04
N PHE B 32 15.91 0.61 -43.22
CA PHE B 32 17.14 0.04 -42.65
C PHE B 32 17.40 -1.41 -43.01
N LEU B 33 16.34 -2.15 -43.32
CA LEU B 33 16.48 -3.56 -43.63
C LEU B 33 16.40 -3.76 -45.15
N GLU B 34 16.79 -4.96 -45.56
CA GLU B 34 16.75 -5.37 -46.95
C GLU B 34 16.18 -6.76 -46.97
N ASP B 35 15.48 -7.10 -48.06
CA ASP B 35 14.68 -8.33 -48.14
C ASP B 35 13.64 -8.42 -47.01
N ALA B 36 13.08 -7.25 -46.68
CA ALA B 36 12.14 -7.10 -45.59
C ALA B 36 10.80 -7.70 -46.02
N ARG B 37 10.31 -8.65 -45.25
CA ARG B 37 9.01 -9.27 -45.49
C ARG B 37 8.13 -9.02 -44.26
N GLU B 38 6.84 -8.75 -44.48
CA GLU B 38 5.91 -8.60 -43.37
C GLU B 38 5.60 -9.96 -42.78
N VAL B 39 5.82 -10.14 -41.49
CA VAL B 39 5.48 -11.40 -40.82
C VAL B 39 4.26 -11.31 -39.89
N ASN B 40 3.75 -10.11 -39.63
CA ASN B 40 2.56 -9.98 -38.78
C ASN B 40 1.77 -8.74 -39.06
N ASN B 41 0.46 -8.90 -39.08
CA ASN B 41 -0.47 -7.76 -39.14
C ASN B 41 -1.75 -7.89 -38.28
N VAL B 42 -1.81 -8.91 -37.41
CA VAL B 42 -2.94 -9.06 -36.50
C VAL B 42 -3.06 -7.79 -35.66
N ARG B 43 -4.32 -7.36 -35.51
CA ARG B 43 -4.64 -6.06 -34.90
C ARG B 43 -3.92 -4.85 -35.48
N GLY B 44 -3.36 -4.99 -36.69
CA GLY B 44 -2.58 -3.92 -37.30
C GLY B 44 -1.23 -3.72 -36.66
N MET B 45 -0.78 -4.68 -35.84
CA MET B 45 0.50 -4.51 -35.15
C MET B 45 1.59 -5.09 -36.04
N LEU B 46 1.97 -4.28 -37.01
CA LEU B 46 2.84 -4.67 -38.12
C LEU B 46 4.21 -5.14 -37.63
N GLY B 47 4.59 -6.35 -38.02
CA GLY B 47 5.92 -6.90 -37.76
C GLY B 47 6.65 -7.31 -39.05
N PHE B 48 7.95 -7.01 -39.11
CA PHE B 48 8.80 -7.24 -40.29
C PHE B 48 10.10 -7.97 -39.93
N THR B 49 10.52 -8.91 -40.77
CA THR B 49 11.83 -9.56 -40.69
C THR B 49 12.62 -9.24 -41.97
N GLY B 50 13.91 -8.97 -41.81
CA GLY B 50 14.82 -8.61 -42.91
C GLY B 50 16.25 -8.84 -42.50
N THR B 51 17.18 -8.05 -43.04
CA THR B 51 18.60 -8.15 -42.67
C THR B 51 19.24 -6.77 -42.57
N TYR B 52 20.20 -6.64 -41.65
CA TYR B 52 21.00 -5.43 -41.48
C TYR B 52 22.45 -5.87 -41.61
N LYS B 53 23.10 -5.41 -42.67
CA LYS B 53 24.45 -5.85 -43.04
C LYS B 53 24.58 -7.37 -42.96
N GLY B 54 23.59 -8.08 -43.49
CA GLY B 54 23.54 -9.55 -43.49
C GLY B 54 23.06 -10.27 -42.23
N ARG B 55 22.75 -9.51 -41.18
CA ARG B 55 22.31 -10.06 -39.89
C ARG B 55 20.78 -10.16 -39.93
N LYS B 56 20.20 -11.33 -39.68
CA LYS B 56 18.74 -11.42 -39.64
C LYS B 56 18.18 -10.58 -38.46
N ILE B 57 17.29 -9.64 -38.76
CA ILE B 57 16.71 -8.73 -37.77
C ILE B 57 15.20 -8.58 -38.01
N SER B 58 14.41 -8.65 -36.92
CA SER B 58 12.98 -8.29 -36.97
C SER B 58 12.66 -6.97 -36.29
N VAL B 59 11.50 -6.42 -36.63
CA VAL B 59 11.04 -5.14 -36.07
C VAL B 59 9.51 -5.07 -36.10
N MET B 60 8.92 -4.84 -34.94
CA MET B 60 7.47 -4.95 -34.74
C MET B 60 6.99 -4.01 -33.67
N GLY B 61 5.89 -3.32 -33.94
CA GLY B 61 5.24 -2.43 -32.96
C GLY B 61 4.82 -3.20 -31.70
N HIS B 62 4.82 -2.54 -30.54
CA HIS B 62 4.29 -3.19 -29.32
C HIS B 62 3.05 -2.54 -28.71
N GLY B 63 2.56 -1.44 -29.30
CA GLY B 63 1.41 -0.72 -28.75
C GLY B 63 1.81 0.12 -27.56
N MET B 64 0.92 0.99 -27.12
CA MET B 64 1.23 1.85 -25.98
C MET B 64 0.86 1.16 -24.65
N GLY B 65 1.79 1.19 -23.70
CA GLY B 65 1.51 0.78 -22.34
C GLY B 65 2.10 -0.54 -21.97
N ILE B 66 2.33 -0.72 -20.67
CA ILE B 66 2.85 -1.97 -20.14
C ILE B 66 2.06 -3.24 -20.56
N PRO B 67 0.72 -3.25 -20.42
CA PRO B 67 -0.05 -4.45 -20.80
C PRO B 67 0.06 -4.86 -22.29
N SER B 68 0.08 -3.87 -23.17
CA SER B 68 0.22 -4.14 -24.58
C SER B 68 1.58 -4.79 -24.86
N CYS B 69 2.65 -4.13 -24.47
CA CYS B 69 3.99 -4.62 -24.82
C CYS B 69 4.32 -5.91 -24.06
N SER B 70 3.72 -6.11 -22.89
CA SER B 70 3.89 -7.38 -22.19
C SER B 70 3.30 -8.59 -22.95
N ILE B 71 2.21 -8.35 -23.66
CA ILE B 71 1.62 -9.40 -24.47
C ILE B 71 2.57 -9.83 -25.60
N TYR B 72 3.06 -8.86 -26.35
CA TYR B 72 3.82 -9.11 -27.55
C TYR B 72 5.22 -9.62 -27.25
N THR B 73 5.87 -9.01 -26.24
CA THR B 73 7.20 -9.47 -25.84
C THR B 73 7.14 -10.89 -25.28
N LYS B 74 6.12 -11.21 -24.49
CA LYS B 74 5.97 -12.57 -23.99
C LYS B 74 5.85 -13.57 -25.15
N GLU B 75 4.96 -13.28 -26.08
CA GLU B 75 4.65 -14.23 -27.17
C GLU B 75 5.89 -14.46 -28.04
N LEU B 76 6.56 -13.37 -28.39
CA LEU B 76 7.86 -13.43 -29.07
C LEU B 76 8.89 -14.34 -28.38
N ILE B 77 8.98 -14.25 -27.05
CA ILE B 77 9.93 -15.07 -26.28
C ILE B 77 9.50 -16.53 -26.16
N THR B 78 8.24 -16.79 -25.86
CA THR B 78 7.84 -18.18 -25.60
C THR B 78 7.58 -19.04 -26.86
N ASP B 79 7.21 -18.40 -27.97
CA ASP B 79 6.74 -19.13 -29.18
C ASP B 79 7.50 -18.85 -30.48
N PHE B 80 8.35 -17.82 -30.51
CA PHE B 80 9.15 -17.50 -31.70
C PHE B 80 10.66 -17.48 -31.43
N GLY B 81 11.12 -18.11 -30.34
CA GLY B 81 12.56 -18.17 -30.02
C GLY B 81 13.34 -16.85 -29.99
N VAL B 82 12.64 -15.73 -29.72
CA VAL B 82 13.30 -14.43 -29.59
C VAL B 82 14.08 -14.41 -28.28
N LYS B 83 15.30 -13.93 -28.37
CA LYS B 83 16.26 -13.94 -27.26
C LYS B 83 16.47 -12.56 -26.67
N LYS B 84 16.50 -11.54 -27.55
CA LYS B 84 16.71 -10.16 -27.17
C LYS B 84 15.61 -9.27 -27.74
N ILE B 85 15.14 -8.33 -26.92
CA ILE B 85 14.18 -7.33 -27.32
C ILE B 85 14.83 -5.99 -27.09
N ILE B 86 14.74 -5.11 -28.08
CA ILE B 86 15.20 -3.75 -27.93
C ILE B 86 14.04 -2.84 -28.23
N ARG B 87 13.52 -2.17 -27.21
CA ARG B 87 12.51 -1.15 -27.41
C ARG B 87 13.20 0.11 -27.92
N VAL B 88 12.61 0.72 -28.95
CA VAL B 88 13.14 1.93 -29.52
C VAL B 88 11.97 2.91 -29.60
N GLY B 89 11.87 3.78 -28.60
CA GLY B 89 10.66 4.57 -28.38
C GLY B 89 10.95 6.02 -28.19
N SER B 90 9.90 6.77 -27.84
CA SER B 90 10.01 8.17 -27.39
C SER B 90 9.82 8.25 -25.87
N CYS B 91 10.25 9.36 -25.29
CA CYS B 91 10.03 9.61 -23.90
C CYS B 91 9.90 11.10 -23.68
N GLY B 92 9.38 11.45 -22.50
CA GLY B 92 9.31 12.83 -22.06
C GLY B 92 10.41 13.07 -21.05
N ALA B 93 11.02 14.25 -21.09
CA ALA B 93 12.04 14.63 -20.10
C ALA B 93 11.43 15.42 -18.96
N VAL B 94 11.98 15.17 -17.78
CA VAL B 94 11.67 15.94 -16.56
C VAL B 94 12.88 16.75 -16.04
N LEU B 95 14.11 16.33 -16.35
CA LEU B 95 15.32 17.10 -16.04
C LEU B 95 15.51 18.26 -17.05
N PRO B 96 15.69 19.49 -16.56
CA PRO B 96 15.86 20.64 -17.49
C PRO B 96 17.06 20.52 -18.48
N HIS B 97 18.13 19.86 -18.04
CA HIS B 97 19.34 19.66 -18.86
C HIS B 97 19.30 18.47 -19.83
N VAL B 98 18.21 17.69 -19.83
CA VAL B 98 18.00 16.67 -20.84
C VAL B 98 17.22 17.37 -21.95
N LYS B 99 17.81 17.49 -23.13
CA LYS B 99 17.24 18.32 -24.20
C LYS B 99 16.44 17.47 -25.17
N LEU B 100 15.52 18.10 -25.90
CA LEU B 100 14.81 17.39 -26.97
C LEU B 100 15.81 16.71 -27.89
N ARG B 101 15.41 15.55 -28.40
CA ARG B 101 16.23 14.72 -29.29
C ARG B 101 17.44 14.02 -28.64
N ASP B 102 17.66 14.16 -27.33
CA ASP B 102 18.67 13.36 -26.65
C ASP B 102 18.31 11.88 -26.70
N VAL B 103 19.32 11.03 -26.73
CA VAL B 103 19.13 9.58 -26.75
C VAL B 103 19.33 9.13 -25.31
N VAL B 104 18.40 8.34 -24.82
CA VAL B 104 18.44 7.84 -23.45
C VAL B 104 18.44 6.31 -23.45
N ILE B 105 19.29 5.71 -22.62
CA ILE B 105 19.39 4.25 -22.54
C ILE B 105 18.94 3.82 -21.15
N GLY B 106 17.85 3.07 -21.09
CA GLY B 106 17.26 2.71 -19.83
C GLY B 106 17.93 1.49 -19.21
N MET B 107 18.95 1.74 -18.40
CA MET B 107 19.60 0.66 -17.67
C MET B 107 18.64 0.12 -16.59
N GLY B 108 17.85 1.02 -16.00
CA GLY B 108 16.77 0.64 -15.12
C GLY B 108 15.49 1.31 -15.55
N ALA B 109 14.36 0.78 -15.05
CA ALA B 109 13.06 1.41 -15.27
C ALA B 109 12.21 1.43 -13.99
N CYS B 110 11.95 2.63 -13.49
CA CYS B 110 11.00 2.89 -12.42
C CYS B 110 9.61 2.72 -13.00
N THR B 111 8.60 2.53 -12.13
CA THR B 111 7.23 2.44 -12.60
C THR B 111 6.23 2.71 -11.50
N ASP B 112 5.07 3.20 -11.90
CA ASP B 112 3.89 3.23 -11.02
C ASP B 112 2.89 2.13 -11.38
N SER B 113 3.28 1.21 -12.27
CA SER B 113 2.49 0.01 -12.51
C SER B 113 2.63 -0.96 -11.33
N LYS B 114 1.61 -1.81 -11.20
CA LYS B 114 1.62 -2.85 -10.21
C LYS B 114 2.15 -4.19 -10.75
N VAL B 115 2.52 -4.29 -12.03
CA VAL B 115 2.83 -5.62 -12.62
C VAL B 115 4.00 -6.33 -11.92
N ASN B 116 5.07 -5.58 -11.61
CA ASN B 116 6.25 -6.20 -10.98
C ASN B 116 6.01 -6.52 -9.51
N ARG B 117 5.19 -5.70 -8.85
CA ARG B 117 4.74 -6.02 -7.49
C ARG B 117 3.93 -7.30 -7.45
N ILE B 118 3.11 -7.51 -8.47
CA ILE B 118 2.35 -8.74 -8.54
C ILE B 118 3.31 -9.91 -8.71
N ARG B 119 4.36 -9.75 -9.52
CA ARG B 119 5.37 -10.80 -9.71
C ARG B 119 6.24 -11.04 -8.47
N PHE B 120 6.44 -10.02 -7.63
CA PHE B 120 7.52 -10.01 -6.64
C PHE B 120 7.02 -9.83 -5.21
N LYS B 121 5.84 -10.41 -4.93
CA LYS B 121 5.20 -10.44 -3.62
C LYS B 121 5.10 -9.07 -2.97
N ASP B 122 4.73 -8.11 -3.78
CA ASP B 122 4.58 -6.72 -3.35
C ASP B 122 5.86 -6.04 -2.83
N HIS B 123 7.04 -6.60 -3.10
CA HIS B 123 8.34 -5.95 -2.80
C HIS B 123 8.83 -5.14 -4.03
N ASP B 124 10.00 -4.53 -3.91
CA ASP B 124 10.61 -3.72 -4.97
C ASP B 124 11.48 -4.60 -5.86
N PHE B 125 10.98 -4.90 -7.05
CA PHE B 125 11.80 -5.51 -8.09
C PHE B 125 12.44 -4.39 -8.88
N ALA B 126 13.77 -4.38 -8.89
CA ALA B 126 14.52 -3.41 -9.68
C ALA B 126 14.46 -3.86 -11.13
N ALA B 127 13.64 -3.19 -11.94
CA ALA B 127 13.48 -3.57 -13.34
C ALA B 127 14.68 -3.06 -14.13
N ILE B 128 15.53 -3.98 -14.54
CA ILE B 128 16.82 -3.65 -15.19
C ILE B 128 16.96 -4.28 -16.56
N ALA B 129 17.64 -3.56 -17.45
CA ALA B 129 18.10 -4.08 -18.72
C ALA B 129 19.24 -5.08 -18.55
N ASP B 130 19.53 -5.80 -19.62
CA ASP B 130 20.70 -6.69 -19.69
C ASP B 130 21.95 -5.81 -19.82
N PHE B 131 22.93 -6.03 -18.95
CA PHE B 131 24.11 -5.15 -18.90
C PHE B 131 24.87 -5.12 -20.24
N ASP B 132 25.09 -6.28 -20.85
CA ASP B 132 25.81 -6.34 -22.14
C ASP B 132 25.10 -5.62 -23.25
N MET B 133 23.77 -5.76 -23.30
CA MET B 133 22.98 -4.95 -24.24
C MET B 133 23.17 -3.46 -23.96
N VAL B 134 23.25 -3.05 -22.69
CA VAL B 134 23.46 -1.63 -22.36
C VAL B 134 24.85 -1.21 -22.85
N ARG B 135 25.87 -2.02 -22.54
CA ARG B 135 27.25 -1.71 -22.97
C ARG B 135 27.34 -1.60 -24.52
N ASN B 136 26.75 -2.55 -25.21
CA ASN B 136 26.72 -2.53 -26.67
C ASN B 136 26.12 -1.27 -27.24
N ALA B 137 25.06 -0.75 -26.62
CA ALA B 137 24.40 0.49 -27.08
C ALA B 137 25.19 1.75 -26.76
N VAL B 138 25.90 1.73 -25.65
CA VAL B 138 26.81 2.85 -25.32
C VAL B 138 27.98 2.92 -26.31
N ASP B 139 28.55 1.77 -26.65
CA ASP B 139 29.65 1.67 -27.63
C ASP B 139 29.21 1.92 -29.07
N ALA B 140 28.02 1.47 -29.44
CA ALA B 140 27.49 1.76 -30.77
C ALA B 140 27.27 3.25 -30.93
N ALA B 141 26.75 3.90 -29.88
CA ALA B 141 26.54 5.35 -29.91
C ALA B 141 27.86 6.14 -29.93
N LYS B 142 28.88 5.63 -29.26
CA LYS B 142 30.21 6.25 -29.26
C LYS B 142 30.82 6.19 -30.67
N ALA B 143 30.79 4.99 -31.27
CA ALA B 143 31.36 4.75 -32.60
C ALA B 143 30.67 5.57 -33.69
N LEU B 144 29.37 5.84 -33.54
CA LEU B 144 28.66 6.71 -34.45
C LEU B 144 28.73 8.18 -34.03
N GLY B 145 29.49 8.51 -32.99
CA GLY B 145 29.61 9.88 -32.52
C GLY B 145 28.33 10.52 -31.99
N ILE B 146 27.44 9.70 -31.40
CA ILE B 146 26.17 10.21 -30.83
C ILE B 146 26.23 10.25 -29.30
N ASP B 147 25.76 11.37 -28.74
CA ASP B 147 25.60 11.54 -27.30
C ASP B 147 24.47 10.63 -26.80
N ALA B 148 24.69 9.95 -25.68
CA ALA B 148 23.66 9.06 -25.10
C ALA B 148 23.81 8.94 -23.59
N ARG B 149 22.72 9.17 -22.87
CA ARG B 149 22.71 9.12 -21.40
C ARG B 149 22.22 7.77 -20.92
N VAL B 150 22.85 7.23 -19.88
CA VAL B 150 22.44 5.97 -19.27
C VAL B 150 21.93 6.19 -17.85
N GLY B 151 20.78 5.57 -17.54
CA GLY B 151 20.21 5.61 -16.20
C GLY B 151 18.80 5.09 -16.19
N ASN B 152 17.94 5.75 -15.40
CA ASN B 152 16.58 5.27 -15.13
C ASN B 152 15.59 5.92 -16.04
N LEU B 153 14.76 5.09 -16.68
CA LEU B 153 13.48 5.56 -17.21
C LEU B 153 12.42 5.46 -16.11
N PHE B 154 11.27 6.07 -16.36
CA PHE B 154 10.07 5.85 -15.56
C PHE B 154 8.97 5.43 -16.52
N SER B 155 8.39 4.27 -16.27
CA SER B 155 7.33 3.69 -17.10
C SER B 155 6.03 3.98 -16.39
N ALA B 156 5.25 4.88 -16.98
CA ALA B 156 3.99 5.36 -16.45
C ALA B 156 2.81 4.62 -17.07
N ASP B 157 1.78 4.36 -16.27
CA ASP B 157 0.50 3.83 -16.75
C ASP B 157 -0.39 4.96 -17.32
N LEU B 158 -0.25 6.16 -16.77
CA LEU B 158 -1.06 7.29 -17.20
C LEU B 158 -0.21 8.35 -17.86
N PHE B 159 -0.26 8.35 -19.19
CA PHE B 159 0.31 9.42 -19.99
C PHE B 159 -0.21 10.74 -19.48
N TYR B 160 -1.54 10.82 -19.31
CA TYR B 160 -2.21 11.99 -18.72
C TYR B 160 -2.39 11.80 -17.22
N SER B 161 -1.36 12.18 -16.47
CA SER B 161 -1.29 11.85 -15.05
C SER B 161 -2.11 12.86 -14.25
N PRO B 162 -2.93 12.38 -13.32
CA PRO B 162 -3.60 13.29 -12.38
C PRO B 162 -2.72 13.78 -11.24
N ASP B 163 -1.48 13.27 -11.12
CA ASP B 163 -0.54 13.60 -10.03
C ASP B 163 0.71 14.27 -10.62
N GLY B 164 0.59 15.57 -10.91
CA GLY B 164 1.71 16.36 -11.44
C GLY B 164 2.92 16.43 -10.52
N GLU B 165 2.68 16.39 -9.22
CA GLU B 165 3.74 16.41 -8.22
C GLU B 165 4.73 15.23 -8.35
N MET B 166 4.25 14.07 -8.82
CA MET B 166 5.14 12.94 -9.05
C MET B 166 6.28 13.24 -10.06
N PHE B 167 6.05 14.15 -11.02
CA PHE B 167 7.09 14.51 -11.96
C PHE B 167 8.27 15.18 -11.23
N ASP B 168 7.96 15.92 -10.16
CA ASP B 168 9.00 16.55 -9.31
C ASP B 168 9.81 15.49 -8.59
N VAL B 169 9.15 14.42 -8.17
CA VAL B 169 9.82 13.32 -7.55
C VAL B 169 10.73 12.58 -8.56
N MET B 170 10.24 12.37 -9.78
CA MET B 170 11.03 11.73 -10.84
C MET B 170 12.27 12.58 -11.12
N GLU B 171 12.05 13.90 -11.20
CA GLU B 171 13.12 14.88 -11.37
C GLU B 171 14.13 14.75 -10.25
N LYS B 172 13.65 14.82 -9.03
CA LYS B 172 14.50 14.69 -7.84
C LYS B 172 15.41 13.49 -7.91
N TYR B 173 14.91 12.35 -8.40
CA TYR B 173 15.65 11.08 -8.38
C TYR B 173 16.37 10.74 -9.71
N GLY B 174 16.50 11.72 -10.60
CA GLY B 174 17.35 11.59 -11.80
C GLY B 174 16.74 10.86 -12.98
N ILE B 175 15.41 10.76 -13.02
CA ILE B 175 14.73 10.00 -14.08
C ILE B 175 15.02 10.74 -15.40
N LEU B 176 15.61 10.02 -16.35
CA LEU B 176 16.08 10.60 -17.60
C LEU B 176 14.96 10.78 -18.59
N GLY B 177 13.98 9.88 -18.57
CA GLY B 177 12.81 9.97 -19.46
C GLY B 177 11.60 9.19 -18.96
N VAL B 178 10.42 9.72 -19.26
CA VAL B 178 9.16 9.11 -18.91
C VAL B 178 8.54 8.47 -20.14
N GLU B 179 8.34 7.17 -20.09
CA GLU B 179 7.68 6.45 -21.17
C GLU B 179 6.63 5.53 -20.57
N MET B 180 6.25 4.44 -21.25
CA MET B 180 5.13 3.63 -20.80
C MET B 180 5.36 2.15 -20.93
N GLU B 181 6.61 1.68 -20.95
CA GLU B 181 6.86 0.28 -21.34
C GLU B 181 8.00 -0.46 -20.64
N ALA B 182 9.12 0.22 -20.44
CA ALA B 182 10.38 -0.43 -20.10
C ALA B 182 10.24 -1.36 -18.91
N ALA B 183 9.74 -0.84 -17.79
CA ALA B 183 9.62 -1.65 -16.57
C ALA B 183 8.83 -2.94 -16.81
N GLY B 184 7.82 -2.86 -17.66
CA GLY B 184 7.04 -4.04 -18.06
C GLY B 184 7.81 -5.01 -18.94
N ILE B 185 8.59 -4.46 -19.87
CA ILE B 185 9.44 -5.29 -20.75
C ILE B 185 10.52 -5.98 -19.93
N TYR B 186 11.16 -5.25 -19.03
CA TYR B 186 12.22 -5.82 -18.19
C TYR B 186 11.65 -6.88 -17.24
N GLY B 187 10.43 -6.69 -16.74
CA GLY B 187 9.77 -7.73 -15.93
C GLY B 187 9.44 -9.00 -16.71
N VAL B 188 8.91 -8.83 -17.93
CA VAL B 188 8.69 -9.94 -18.86
C VAL B 188 9.98 -10.69 -19.21
N ALA B 189 11.04 -9.97 -19.57
CA ALA B 189 12.35 -10.61 -19.85
C ALA B 189 12.84 -11.44 -18.67
N ALA B 190 12.66 -10.92 -17.46
CA ALA B 190 13.06 -11.64 -16.26
C ALA B 190 12.19 -12.86 -16.05
N GLU B 191 10.87 -12.70 -16.13
CA GLU B 191 9.92 -13.80 -15.91
C GLU B 191 10.08 -14.95 -16.90
N PHE B 192 10.29 -14.62 -18.16
CA PHE B 192 10.32 -15.64 -19.22
C PHE B 192 11.74 -15.98 -19.70
N GLY B 193 12.76 -15.39 -19.10
CA GLY B 193 14.16 -15.78 -19.31
C GLY B 193 14.75 -15.34 -20.64
N ALA B 194 14.57 -14.07 -20.99
CA ALA B 194 15.18 -13.46 -22.17
C ALA B 194 15.91 -12.18 -21.74
N LYS B 195 16.32 -11.39 -22.71
CA LYS B 195 17.10 -10.19 -22.46
C LYS B 195 16.43 -9.03 -23.13
N ALA B 196 16.58 -7.85 -22.54
CA ALA B 196 15.89 -6.67 -23.04
C ALA B 196 16.65 -5.40 -22.75
N LEU B 197 16.38 -4.38 -23.56
CA LEU B 197 16.90 -3.04 -23.35
C LEU B 197 15.90 -2.07 -23.89
N THR B 198 15.79 -0.90 -23.28
CA THR B 198 14.99 0.18 -23.82
C THR B 198 15.89 1.38 -24.11
N ILE B 199 15.80 1.83 -25.35
CA ILE B 199 16.42 3.04 -25.79
C ILE B 199 15.27 3.96 -26.18
N CYS B 200 15.39 5.24 -25.88
CA CYS B 200 14.38 6.21 -26.22
C CYS B 200 15.02 7.51 -26.67
N THR B 201 14.28 8.29 -27.44
CA THR B 201 14.69 9.66 -27.72
C THR B 201 13.63 10.61 -27.18
N VAL B 202 14.10 11.70 -26.61
CA VAL B 202 13.26 12.63 -25.89
C VAL B 202 12.50 13.47 -26.92
N SER B 203 11.20 13.22 -27.06
CA SER B 203 10.37 13.94 -28.01
C SER B 203 9.59 15.14 -27.44
N ASP B 204 9.61 15.32 -26.12
N ASP B 204 9.60 15.29 -26.11
CA ASP B 204 9.15 16.57 -25.52
CA ASP B 204 8.95 16.41 -25.43
C ASP B 204 9.61 16.62 -24.07
C ASP B 204 9.56 16.59 -24.03
N HIS B 205 9.29 17.74 -23.42
CA HIS B 205 9.50 17.94 -21.98
C HIS B 205 8.11 17.89 -21.40
N ILE B 206 7.94 17.15 -20.30
CA ILE B 206 6.67 17.10 -19.56
C ILE B 206 6.25 18.53 -19.18
N ARG B 207 7.23 19.31 -18.70
CA ARG B 207 7.04 20.69 -18.26
C ARG B 207 6.53 21.62 -19.39
N THR B 208 7.29 21.66 -20.49
CA THR B 208 7.05 22.58 -21.62
C THR B 208 6.15 21.93 -22.70
N HIS B 209 6.05 22.59 -23.86
CA HIS B 209 5.54 22.00 -25.11
C HIS B 209 6.49 22.44 -26.25
N GLU B 210 7.80 22.17 -26.11
CA GLU B 210 8.83 22.77 -27.00
C GLU B 210 8.83 22.22 -28.44
N GLN B 211 9.42 23.00 -29.36
CA GLN B 211 9.20 22.90 -30.81
C GLN B 211 10.41 22.41 -31.62
N THR B 212 10.15 21.52 -32.60
CA THR B 212 11.14 21.06 -33.58
C THR B 212 10.49 20.98 -34.99
N THR B 213 11.11 20.29 -35.94
CA THR B 213 10.53 20.04 -37.26
C THR B 213 10.71 18.56 -37.69
N ALA B 214 10.10 18.18 -38.81
CA ALA B 214 10.16 16.79 -39.32
C ALA B 214 11.51 16.36 -39.90
N ALA B 215 12.42 17.31 -40.15
CA ALA B 215 13.80 17.01 -40.57
C ALA B 215 14.64 16.44 -39.42
N GLU B 216 14.62 17.13 -38.28
CA GLU B 216 15.43 16.75 -37.11
C GLU B 216 14.88 15.53 -36.37
N ARG B 217 13.56 15.47 -36.21
CA ARG B 217 12.87 14.39 -35.50
C ARG B 217 13.17 13.02 -36.11
N GLN B 218 13.08 12.91 -37.44
CA GLN B 218 13.41 11.65 -38.11
C GLN B 218 14.92 11.35 -38.05
N THR B 219 15.78 12.36 -38.23
CA THR B 219 17.26 12.16 -38.16
C THR B 219 17.69 11.65 -36.76
N THR B 220 17.04 12.15 -35.71
CA THR B 220 17.21 11.64 -34.35
C THR B 220 16.51 10.29 -34.15
N PHE B 221 15.32 10.13 -34.74
CA PHE B 221 14.68 8.82 -34.75
C PHE B 221 15.62 7.83 -35.42
N ASN B 222 16.27 8.25 -36.50
CA ASN B 222 17.23 7.40 -37.21
C ASN B 222 18.50 7.14 -36.40
N ASP B 223 18.99 8.15 -35.68
CA ASP B 223 20.13 7.97 -34.77
C ASP B 223 19.91 6.80 -33.79
N MET B 224 18.76 6.78 -33.12
CA MET B 224 18.41 5.70 -32.16
C MET B 224 18.37 4.33 -32.80
N ILE B 225 17.78 4.26 -34.00
CA ILE B 225 17.68 2.98 -34.73
C ILE B 225 19.07 2.49 -35.16
N LYS B 226 19.95 3.40 -35.56
CA LYS B 226 21.33 3.04 -35.91
C LYS B 226 22.04 2.45 -34.69
N ILE B 227 21.95 3.16 -33.56
CA ILE B 227 22.49 2.67 -32.28
C ILE B 227 21.99 1.26 -31.99
N ALA B 228 20.68 1.09 -32.04
CA ALA B 228 20.09 -0.22 -31.73
C ALA B 228 20.65 -1.34 -32.63
N LEU B 229 20.65 -1.10 -33.94
CA LEU B 229 21.09 -2.12 -34.91
C LEU B 229 22.61 -2.41 -34.79
N GLU B 230 23.40 -1.35 -34.70
CA GLU B 230 24.85 -1.48 -34.51
C GLU B 230 25.18 -2.19 -33.19
N SER B 231 24.38 -1.90 -32.14
CA SER B 231 24.57 -2.53 -30.82
C SER B 231 24.33 -4.02 -30.88
N VAL B 232 23.42 -4.45 -31.75
CA VAL B 232 23.20 -5.89 -31.98
C VAL B 232 24.42 -6.53 -32.62
N LEU B 233 25.00 -5.85 -33.62
CA LEU B 233 26.22 -6.38 -34.30
C LEU B 233 27.35 -6.61 -33.30
N LEU B 234 27.53 -5.65 -32.39
CA LEU B 234 28.53 -5.76 -31.32
C LEU B 234 28.24 -6.92 -30.38
N GLY B 235 26.96 -7.08 -30.04
CA GLY B 235 26.53 -8.21 -29.23
C GLY B 235 26.85 -9.56 -29.85
N ASP B 236 26.78 -9.66 -31.18
CA ASP B 236 27.08 -10.92 -31.89
C ASP B 236 28.54 -11.44 -31.77
N LYS B 237 29.50 -10.54 -31.58
CA LYS B 237 30.94 -10.89 -31.55
C LYS B 237 31.36 -11.63 -30.28
N ALA C 1 -30.30 -20.30 15.00
CA ALA C 1 -29.72 -19.05 15.60
C ALA C 1 -28.25 -18.89 15.23
N THR C 2 -27.83 -17.64 15.06
CA THR C 2 -26.46 -17.30 14.77
C THR C 2 -26.02 -16.47 15.95
N PRO C 3 -24.70 -16.25 16.10
CA PRO C 3 -24.25 -15.53 17.27
C PRO C 3 -24.84 -14.12 17.47
N HIS C 4 -25.36 -13.48 16.42
CA HIS C 4 -26.00 -12.16 16.60
C HIS C 4 -27.50 -12.08 16.27
N ILE C 5 -28.09 -13.19 15.86
CA ILE C 5 -29.49 -13.23 15.48
C ILE C 5 -30.13 -14.46 16.12
N ASN C 6 -30.93 -14.24 17.16
CA ASN C 6 -31.69 -15.30 17.81
C ASN C 6 -33.00 -15.61 17.09
N ALA C 7 -32.89 -16.39 16.04
CA ALA C 7 -34.02 -16.69 15.19
C ALA C 7 -33.70 -17.92 14.41
N GLU C 8 -34.68 -18.42 13.67
CA GLU C 8 -34.52 -19.67 12.93
C GLU C 8 -34.92 -19.46 11.50
N MET C 9 -34.47 -20.36 10.64
CA MET C 9 -34.81 -20.34 9.23
C MET C 9 -36.33 -20.12 9.01
N GLY C 10 -36.68 -19.21 8.11
CA GLY C 10 -38.09 -18.85 7.89
C GLY C 10 -38.60 -17.68 8.72
N ASP C 11 -37.92 -17.31 9.81
CA ASP C 11 -38.29 -16.09 10.54
C ASP C 11 -38.05 -14.82 9.70
N PHE C 12 -37.07 -14.84 8.81
CA PHE C 12 -36.83 -13.70 7.94
C PHE C 12 -37.38 -14.00 6.56
N ALA C 13 -37.90 -12.98 5.88
CA ALA C 13 -38.14 -13.02 4.45
C ALA C 13 -36.83 -13.16 3.67
N ASP C 14 -36.98 -13.47 2.40
CA ASP C 14 -35.84 -13.54 1.49
C ASP C 14 -35.35 -12.14 1.08
N VAL C 15 -36.08 -11.09 1.44
CA VAL C 15 -35.65 -9.70 1.26
C VAL C 15 -35.66 -8.99 2.61
N VAL C 16 -34.57 -8.30 2.93
CA VAL C 16 -34.48 -7.55 4.19
C VAL C 16 -34.06 -6.12 3.88
N LEU C 17 -34.89 -5.17 4.36
CA LEU C 17 -34.54 -3.76 4.44
C LEU C 17 -33.72 -3.57 5.71
N MET C 18 -32.66 -2.77 5.62
CA MET C 18 -31.76 -2.55 6.72
C MET C 18 -31.41 -1.09 6.85
N PRO C 19 -32.05 -0.38 7.78
CA PRO C 19 -31.50 0.90 8.13
C PRO C 19 -30.34 0.68 9.13
N GLY C 20 -29.48 1.68 9.31
CA GLY C 20 -28.43 1.59 10.34
C GLY C 20 -28.98 1.56 11.75
N ASP C 21 -29.95 2.42 12.01
CA ASP C 21 -30.59 2.56 13.33
C ASP C 21 -31.70 1.51 13.52
N PRO C 22 -31.57 0.60 14.52
CA PRO C 22 -32.64 -0.38 14.79
C PRO C 22 -33.98 0.21 15.23
N LEU C 23 -33.98 1.43 15.77
CA LEU C 23 -35.21 2.15 16.09
C LEU C 23 -35.97 2.58 14.83
N ARG C 24 -35.24 2.86 13.74
CA ARG C 24 -35.83 3.10 12.42
C ARG C 24 -36.45 1.82 11.82
N ALA C 25 -35.85 0.67 12.12
CA ALA C 25 -36.41 -0.61 11.71
C ALA C 25 -37.78 -0.85 12.34
N LYS C 26 -37.91 -0.52 13.61
CA LYS C 26 -39.17 -0.64 14.32
C LYS C 26 -40.21 0.32 13.74
N TYR C 27 -39.78 1.55 13.51
CA TYR C 27 -40.61 2.53 12.82
C TYR C 27 -41.12 1.99 11.48
N ILE C 28 -40.22 1.41 10.68
CA ILE C 28 -40.59 0.81 9.40
C ILE C 28 -41.63 -0.30 9.55
N ALA C 29 -41.45 -1.16 10.54
CA ALA C 29 -42.37 -2.29 10.72
C ALA C 29 -43.77 -1.78 11.10
N GLU C 30 -43.82 -0.83 12.02
CA GLU C 30 -45.07 -0.19 12.44
C GLU C 30 -45.79 0.54 11.32
N THR C 31 -45.07 1.31 10.54
CA THR C 31 -45.66 2.22 9.56
C THR C 31 -46.04 1.53 8.24
N PHE C 32 -45.24 0.57 7.77
CA PHE C 32 -45.41 -0.01 6.43
C PHE C 32 -45.76 -1.49 6.37
N LEU C 33 -45.48 -2.26 7.42
CA LEU C 33 -45.64 -3.71 7.35
C LEU C 33 -46.91 -4.13 8.07
N GLU C 34 -47.62 -5.11 7.50
CA GLU C 34 -48.79 -5.70 8.12
C GLU C 34 -48.40 -7.01 8.78
N ASP C 35 -49.12 -7.34 9.85
CA ASP C 35 -48.97 -8.60 10.56
C ASP C 35 -47.54 -8.77 11.06
N ALA C 36 -46.95 -7.69 11.56
CA ALA C 36 -45.55 -7.71 11.87
C ALA C 36 -45.27 -8.48 13.17
N ARG C 37 -44.11 -9.09 13.21
CA ARG C 37 -43.66 -9.91 14.30
C ARG C 37 -42.18 -9.55 14.55
N GLU C 38 -41.81 -9.33 15.82
CA GLU C 38 -40.40 -9.17 16.19
C GLU C 38 -39.67 -10.50 16.03
N VAL C 39 -38.54 -10.48 15.32
CA VAL C 39 -37.74 -11.69 15.14
C VAL C 39 -36.32 -11.62 15.69
N ASN C 40 -35.87 -10.45 16.13
CA ASN C 40 -34.55 -10.33 16.75
C ASN C 40 -34.49 -9.19 17.73
N ASN C 41 -33.92 -9.47 18.90
CA ASN C 41 -33.55 -8.43 19.89
C ASN C 41 -32.11 -8.49 20.40
N VAL C 42 -31.32 -9.45 19.90
CA VAL C 42 -29.92 -9.61 20.35
C VAL C 42 -29.18 -8.29 20.17
N ARG C 43 -28.58 -7.81 21.24
CA ARG C 43 -27.84 -6.54 21.29
C ARG C 43 -28.70 -5.34 20.94
N GLY C 44 -30.01 -5.48 21.08
CA GLY C 44 -30.92 -4.41 20.74
C GLY C 44 -31.02 -4.16 19.24
N MET C 45 -30.56 -5.13 18.41
CA MET C 45 -30.58 -4.94 16.97
C MET C 45 -31.91 -5.49 16.47
N LEU C 46 -32.93 -4.67 16.69
CA LEU C 46 -34.33 -5.04 16.47
C LEU C 46 -34.56 -5.42 15.02
N GLY C 47 -35.19 -6.56 14.82
CA GLY C 47 -35.53 -7.06 13.51
C GLY C 47 -36.98 -7.51 13.49
N PHE C 48 -37.66 -7.31 12.35
CA PHE C 48 -39.09 -7.58 12.21
C PHE C 48 -39.39 -8.28 10.89
N THR C 49 -40.49 -9.03 10.84
CA THR C 49 -40.99 -9.60 9.60
C THR C 49 -42.51 -9.35 9.53
N GLY C 50 -43.00 -8.96 8.35
CA GLY C 50 -44.44 -8.78 8.10
C GLY C 50 -44.66 -8.85 6.60
N THR C 51 -45.70 -8.17 6.12
CA THR C 51 -46.01 -8.18 4.68
C THR C 51 -46.29 -6.78 4.20
N TYR C 52 -45.97 -6.54 2.94
CA TYR C 52 -46.24 -5.26 2.28
C TYR C 52 -46.95 -5.62 0.99
N LYS C 53 -48.23 -5.26 0.91
CA LYS C 53 -49.10 -5.66 -0.20
C LYS C 53 -49.03 -7.14 -0.51
N GLY C 54 -48.96 -7.97 0.52
CA GLY C 54 -48.92 -9.44 0.37
C GLY C 54 -47.54 -10.09 0.34
N ARG C 55 -46.52 -9.26 0.13
CA ARG C 55 -45.18 -9.75 -0.07
C ARG C 55 -44.48 -9.83 1.30
N LYS C 56 -44.00 -11.01 1.66
CA LYS C 56 -43.21 -11.19 2.89
C LYS C 56 -41.92 -10.34 2.85
N ILE C 57 -41.73 -9.47 3.84
CA ILE C 57 -40.58 -8.56 3.95
C ILE C 57 -40.07 -8.54 5.40
N SER C 58 -38.76 -8.48 5.57
CA SER C 58 -38.17 -8.22 6.86
C SER C 58 -37.42 -6.89 6.88
N VAL C 59 -37.28 -6.34 8.08
CA VAL C 59 -36.56 -5.10 8.31
C VAL C 59 -35.79 -5.22 9.62
N MET C 60 -34.50 -4.88 9.60
CA MET C 60 -33.64 -5.02 10.79
C MET C 60 -32.49 -4.04 10.71
N GLY C 61 -32.12 -3.48 11.85
CA GLY C 61 -30.98 -2.59 11.93
C GLY C 61 -29.69 -3.33 11.57
N HIS C 62 -28.68 -2.61 11.07
CA HIS C 62 -27.36 -3.21 10.86
C HIS C 62 -26.22 -2.58 11.66
N GLY C 63 -26.48 -1.42 12.29
CA GLY C 63 -25.47 -0.69 13.04
C GLY C 63 -24.51 0.08 12.14
N MET C 64 -23.74 0.98 12.73
CA MET C 64 -22.86 1.83 11.94
C MET C 64 -21.57 1.09 11.57
N GLY C 65 -21.19 1.18 10.30
CA GLY C 65 -19.87 0.77 9.85
C GLY C 65 -19.85 -0.57 9.14
N ILE C 66 -18.88 -0.73 8.25
CA ILE C 66 -18.74 -1.95 7.49
C ILE C 66 -18.72 -3.21 8.37
N PRO C 67 -17.91 -3.22 9.46
CA PRO C 67 -17.81 -4.47 10.21
C PRO C 67 -19.12 -4.90 10.85
N SER C 68 -19.92 -3.94 11.31
CA SER C 68 -21.22 -4.27 11.89
C SER C 68 -22.17 -4.83 10.83
N CYS C 69 -22.38 -4.10 9.75
CA CYS C 69 -23.33 -4.57 8.73
C CYS C 69 -22.83 -5.84 8.04
N SER C 70 -21.51 -6.01 7.98
CA SER C 70 -20.96 -7.25 7.39
C SER C 70 -21.34 -8.51 8.18
N ILE C 71 -21.55 -8.38 9.49
CA ILE C 71 -21.92 -9.50 10.34
C ILE C 71 -23.36 -9.87 10.03
N TYR C 72 -24.24 -8.89 10.10
CA TYR C 72 -25.66 -9.15 9.94
C TYR C 72 -26.01 -9.62 8.55
N THR C 73 -25.45 -8.97 7.54
CA THR C 73 -25.77 -9.35 6.18
C THR C 73 -25.23 -10.77 5.93
N LYS C 74 -24.06 -11.11 6.45
CA LYS C 74 -23.53 -12.45 6.25
C LYS C 74 -24.43 -13.53 6.85
N GLU C 75 -24.76 -13.35 8.12
CA GLU C 75 -25.58 -14.32 8.84
C GLU C 75 -26.96 -14.47 8.19
N LEU C 76 -27.55 -13.35 7.78
CA LEU C 76 -28.80 -13.41 7.02
C LEU C 76 -28.71 -14.28 5.78
N ILE C 77 -27.65 -14.08 4.98
CA ILE C 77 -27.51 -14.81 3.73
C ILE C 77 -27.23 -16.29 3.94
N THR C 78 -26.33 -16.64 4.87
CA THR C 78 -25.87 -18.02 4.99
C THR C 78 -26.78 -18.84 5.89
N ASP C 79 -27.51 -18.21 6.83
CA ASP C 79 -28.29 -18.97 7.81
C ASP C 79 -29.78 -18.74 7.77
N PHE C 80 -30.24 -17.69 7.08
CA PHE C 80 -31.66 -17.35 7.04
C PHE C 80 -32.25 -17.29 5.65
N GLY C 81 -31.53 -17.80 4.65
CA GLY C 81 -32.05 -17.86 3.29
C GLY C 81 -32.30 -16.53 2.63
N VAL C 82 -31.64 -15.45 3.09
CA VAL C 82 -31.86 -14.12 2.53
C VAL C 82 -31.14 -13.97 1.19
N LYS C 83 -31.86 -13.43 0.21
CA LYS C 83 -31.41 -13.29 -1.20
C LYS C 83 -31.10 -11.86 -1.62
N LYS C 84 -31.84 -10.92 -1.06
CA LYS C 84 -31.66 -9.53 -1.36
C LYS C 84 -31.57 -8.75 -0.05
N ILE C 85 -30.65 -7.80 -0.01
CA ILE C 85 -30.51 -6.89 1.11
C ILE C 85 -30.67 -5.49 0.52
N ILE C 86 -31.57 -4.70 1.10
CA ILE C 86 -31.62 -3.30 0.75
C ILE C 86 -31.24 -2.47 1.95
N ARG C 87 -30.06 -1.86 1.92
CA ARG C 87 -29.74 -0.86 2.92
C ARG C 87 -30.55 0.41 2.60
N VAL C 88 -31.16 0.98 3.65
CA VAL C 88 -31.94 2.21 3.54
C VAL C 88 -31.43 3.19 4.58
N GLY C 89 -30.58 4.13 4.16
CA GLY C 89 -29.81 4.94 5.10
C GLY C 89 -29.75 6.42 4.80
N SER C 90 -28.88 7.09 5.53
CA SER C 90 -28.56 8.49 5.27
C SER C 90 -27.11 8.62 4.78
N CYS C 91 -26.78 9.76 4.19
CA CYS C 91 -25.44 10.04 3.66
C CYS C 91 -25.21 11.54 3.62
N GLY C 92 -23.92 11.91 3.66
CA GLY C 92 -23.49 13.29 3.46
C GLY C 92 -23.12 13.52 2.00
N ALA C 93 -23.41 14.71 1.48
CA ALA C 93 -23.14 15.05 0.08
C ALA C 93 -21.88 15.89 -0.05
N VAL C 94 -21.14 15.70 -1.14
CA VAL C 94 -19.99 16.58 -1.47
C VAL C 94 -20.23 17.42 -2.70
N LEU C 95 -21.11 17.00 -3.62
CA LEU C 95 -21.33 17.73 -4.86
C LEU C 95 -22.31 18.88 -4.64
N PRO C 96 -21.98 20.10 -5.10
CA PRO C 96 -22.91 21.22 -4.86
C PRO C 96 -24.29 21.01 -5.46
N HIS C 97 -24.36 20.39 -6.62
CA HIS C 97 -25.64 20.09 -7.25
C HIS C 97 -26.48 19.03 -6.50
N VAL C 98 -25.87 18.21 -5.64
CA VAL C 98 -26.64 17.23 -4.85
C VAL C 98 -27.18 17.92 -3.60
N LYS C 99 -28.50 17.89 -3.42
CA LYS C 99 -29.17 18.67 -2.35
C LYS C 99 -29.63 17.82 -1.15
N LEU C 100 -29.80 18.48 -0.01
CA LEU C 100 -30.43 17.87 1.15
C LEU C 100 -31.75 17.25 0.75
N ARG C 101 -32.02 16.06 1.29
CA ARG C 101 -33.23 15.30 0.98
C ARG C 101 -33.25 14.57 -0.39
N ASP C 102 -32.21 14.71 -1.23
CA ASP C 102 -32.16 13.87 -2.44
C ASP C 102 -32.03 12.39 -2.07
N VAL C 103 -32.66 11.57 -2.89
CA VAL C 103 -32.54 10.13 -2.81
C VAL C 103 -31.41 9.72 -3.73
N VAL C 104 -30.40 9.05 -3.16
CA VAL C 104 -29.25 8.55 -3.92
C VAL C 104 -29.29 7.02 -3.89
N ILE C 105 -29.07 6.42 -5.07
CA ILE C 105 -29.03 4.97 -5.25
C ILE C 105 -27.60 4.56 -5.62
N GLY C 106 -26.98 3.74 -4.78
CA GLY C 106 -25.56 3.42 -4.89
C GLY C 106 -25.35 2.26 -5.81
N MET C 107 -25.16 2.54 -7.11
CA MET C 107 -24.87 1.43 -8.02
C MET C 107 -23.50 0.86 -7.71
N GLY C 108 -22.60 1.75 -7.28
CA GLY C 108 -21.29 1.35 -6.75
C GLY C 108 -20.99 2.05 -5.43
N ALA C 109 -20.01 1.50 -4.71
CA ALA C 109 -19.56 2.05 -3.46
C ALA C 109 -18.05 1.98 -3.41
N CYS C 110 -17.43 3.15 -3.51
CA CYS C 110 -16.04 3.34 -3.11
C CYS C 110 -15.88 3.11 -1.60
N THR C 111 -14.65 2.91 -1.16
CA THR C 111 -14.38 2.78 0.28
C THR C 111 -12.91 3.01 0.59
N ASP C 112 -12.64 3.39 1.84
CA ASP C 112 -11.28 3.42 2.37
C ASP C 112 -11.07 2.28 3.37
N SER C 113 -12.05 1.37 3.45
CA SER C 113 -11.90 0.15 4.22
C SER C 113 -10.93 -0.79 3.48
N LYS C 114 -10.31 -1.69 4.22
CA LYS C 114 -9.47 -2.74 3.64
C LYS C 114 -10.21 -4.07 3.41
N VAL C 115 -11.49 -4.16 3.72
CA VAL C 115 -12.15 -5.47 3.70
C VAL C 115 -12.19 -6.14 2.33
N ASN C 116 -12.39 -5.37 1.27
CA ASN C 116 -12.46 -5.96 -0.08
C ASN C 116 -11.07 -6.32 -0.63
N ARG C 117 -10.04 -5.57 -0.21
CA ARG C 117 -8.64 -5.95 -0.48
C ARG C 117 -8.24 -7.24 0.20
N ILE C 118 -8.72 -7.44 1.42
CA ILE C 118 -8.50 -8.72 2.08
C ILE C 118 -9.20 -9.84 1.29
N ARG C 119 -10.39 -9.57 0.80
CA ARG C 119 -11.12 -10.58 0.02
C ARG C 119 -10.47 -10.88 -1.33
N PHE C 120 -9.87 -9.86 -1.95
CA PHE C 120 -9.60 -9.85 -3.38
C PHE C 120 -8.10 -9.74 -3.68
N LYS C 121 -7.26 -10.36 -2.85
CA LYS C 121 -5.81 -10.40 -3.00
C LYS C 121 -5.17 -9.07 -3.21
N ASP C 122 -5.69 -8.09 -2.49
CA ASP C 122 -5.20 -6.72 -2.51
C ASP C 122 -5.35 -6.00 -3.85
N HIS C 123 -6.29 -6.43 -4.70
CA HIS C 123 -6.61 -5.71 -5.94
C HIS C 123 -7.86 -4.87 -5.70
N ASP C 124 -8.31 -4.18 -6.73
CA ASP C 124 -9.51 -3.34 -6.65
C ASP C 124 -10.74 -4.18 -6.97
N PHE C 125 -11.55 -4.45 -5.96
CA PHE C 125 -12.84 -5.05 -6.16
C PHE C 125 -13.81 -3.88 -6.36
N ALA C 126 -14.49 -3.81 -7.51
CA ALA C 126 -15.56 -2.80 -7.73
C ALA C 126 -16.79 -3.28 -6.96
N ALA C 127 -17.03 -2.64 -5.81
CA ALA C 127 -18.16 -3.01 -4.96
C ALA C 127 -19.42 -2.47 -5.61
N ILE C 128 -20.23 -3.35 -6.17
CA ILE C 128 -21.42 -2.92 -6.90
C ILE C 128 -22.70 -3.57 -6.41
N ALA C 129 -23.78 -2.84 -6.66
CA ALA C 129 -25.13 -3.32 -6.44
C ALA C 129 -25.53 -4.32 -7.50
N ASP C 130 -26.57 -5.07 -7.23
CA ASP C 130 -27.24 -5.86 -8.27
C ASP C 130 -28.01 -4.89 -9.20
N PHE C 131 -27.80 -5.07 -10.50
CA PHE C 131 -28.33 -4.16 -11.51
C PHE C 131 -29.87 -4.10 -11.53
N ASP C 132 -30.51 -5.24 -11.48
CA ASP C 132 -31.98 -5.28 -11.49
C ASP C 132 -32.53 -4.54 -10.28
N MET C 133 -31.91 -4.77 -9.10
CA MET C 133 -32.27 -4.03 -7.90
C MET C 133 -32.11 -2.51 -8.05
N VAL C 134 -31.09 -2.07 -8.77
CA VAL C 134 -30.91 -0.65 -9.06
C VAL C 134 -32.04 -0.11 -9.93
N ARG C 135 -32.33 -0.81 -11.01
N ARG C 135 -32.29 -0.82 -11.02
CA ARG C 135 -33.37 -0.39 -11.94
CA ARG C 135 -33.34 -0.53 -11.99
C ARG C 135 -34.77 -0.44 -11.34
C ARG C 135 -34.72 -0.46 -11.35
N ASN C 136 -35.03 -1.49 -10.58
CA ASN C 136 -36.26 -1.58 -9.81
C ASN C 136 -36.47 -0.36 -8.93
N ALA C 137 -35.40 0.10 -8.27
CA ALA C 137 -35.46 1.23 -7.38
C ALA C 137 -35.65 2.54 -8.13
N VAL C 138 -34.97 2.66 -9.28
CA VAL C 138 -35.14 3.85 -10.14
C VAL C 138 -36.58 3.94 -10.66
N ASP C 139 -37.14 2.79 -11.07
CA ASP C 139 -38.49 2.77 -11.64
C ASP C 139 -39.55 3.04 -10.57
N ALA C 140 -39.43 2.38 -9.41
CA ALA C 140 -40.30 2.66 -8.25
C ALA C 140 -40.27 4.13 -7.88
N ALA C 141 -39.10 4.73 -7.87
CA ALA C 141 -38.95 6.15 -7.60
C ALA C 141 -39.72 7.00 -8.62
N LYS C 142 -39.52 6.70 -9.90
CA LYS C 142 -40.20 7.42 -10.98
C LYS C 142 -41.73 7.29 -10.88
N ALA C 143 -42.22 6.10 -10.55
CA ALA C 143 -43.66 5.88 -10.36
C ALA C 143 -44.23 6.67 -9.18
N LEU C 144 -43.41 6.94 -8.17
CA LEU C 144 -43.80 7.77 -7.03
C LEU C 144 -43.52 9.25 -7.22
N GLY C 145 -43.02 9.68 -8.38
CA GLY C 145 -42.73 11.09 -8.60
C GLY C 145 -41.47 11.63 -7.92
N ILE C 146 -40.54 10.75 -7.54
CA ILE C 146 -39.24 11.15 -6.97
C ILE C 146 -38.14 10.84 -7.98
N ASP C 147 -37.24 11.79 -8.21
CA ASP C 147 -36.17 11.60 -9.23
C ASP C 147 -34.82 11.30 -8.57
N ALA C 148 -34.54 10.02 -8.40
CA ALA C 148 -33.36 9.55 -7.70
C ALA C 148 -32.09 9.72 -8.56
N ARG C 149 -30.97 10.03 -7.94
CA ARG C 149 -29.67 10.02 -8.61
C ARG C 149 -29.01 8.65 -8.45
N VAL C 150 -28.35 8.15 -9.50
CA VAL C 150 -27.72 6.83 -9.50
C VAL C 150 -26.23 7.02 -9.73
N GLY C 151 -25.40 6.38 -8.92
CA GLY C 151 -23.96 6.64 -9.03
C GLY C 151 -23.17 5.98 -7.91
N ASN C 152 -22.00 6.54 -7.62
CA ASN C 152 -21.12 6.03 -6.57
C ASN C 152 -21.39 6.60 -5.20
N LEU C 153 -21.44 5.71 -4.22
CA LEU C 153 -21.32 6.10 -2.83
C LEU C 153 -19.84 5.95 -2.44
N PHE C 154 -19.52 6.55 -1.29
CA PHE C 154 -18.23 6.30 -0.63
C PHE C 154 -18.55 5.79 0.78
N SER C 155 -18.11 4.57 1.05
CA SER C 155 -18.26 3.96 2.37
C SER C 155 -16.99 4.19 3.20
N ALA C 156 -17.10 5.14 4.13
CA ALA C 156 -16.03 5.59 4.98
C ALA C 156 -15.92 4.73 6.26
N ASP C 157 -14.71 4.38 6.66
CA ASP C 157 -14.49 3.78 7.97
C ASP C 157 -14.52 4.83 9.09
N LEU C 158 -14.09 6.06 8.81
CA LEU C 158 -14.01 7.09 9.81
C LEU C 158 -14.96 8.21 9.49
N PHE C 159 -16.03 8.31 10.26
CA PHE C 159 -16.98 9.43 10.20
C PHE C 159 -16.25 10.74 10.43
N TYR C 160 -15.40 10.77 11.46
CA TYR C 160 -14.53 11.91 11.78
C TYR C 160 -13.16 11.60 11.17
N SER C 161 -13.05 11.96 9.90
CA SER C 161 -11.91 11.63 9.07
C SER C 161 -10.82 12.62 9.42
N PRO C 162 -9.58 12.16 9.60
CA PRO C 162 -8.47 13.14 9.67
C PRO C 162 -8.02 13.63 8.30
N ASP C 163 -8.59 13.06 7.22
CA ASP C 163 -8.19 13.34 5.84
C ASP C 163 -9.29 14.21 5.21
N GLY C 164 -9.36 15.47 5.59
CA GLY C 164 -10.32 16.42 4.97
C GLY C 164 -10.25 16.54 3.45
N GLU C 165 -9.04 16.50 2.91
CA GLU C 165 -8.79 16.67 1.46
C GLU C 165 -9.45 15.55 0.62
N MET C 166 -9.70 14.40 1.23
CA MET C 166 -10.39 13.32 0.57
C MET C 166 -11.79 13.69 0.06
N PHE C 167 -12.49 14.59 0.77
CA PHE C 167 -13.81 15.06 0.30
C PHE C 167 -13.73 15.80 -1.04
N ASP C 168 -12.65 16.56 -1.27
CA ASP C 168 -12.42 17.15 -2.60
C ASP C 168 -12.19 16.11 -3.70
N VAL C 169 -11.45 15.04 -3.39
CA VAL C 169 -11.23 13.94 -4.31
C VAL C 169 -12.57 13.25 -4.61
N MET C 170 -13.37 13.00 -3.58
CA MET C 170 -14.73 12.42 -3.79
C MET C 170 -15.57 13.26 -4.75
N GLU C 171 -15.54 14.57 -4.54
CA GLU C 171 -16.23 15.54 -5.37
C GLU C 171 -15.76 15.49 -6.82
N LYS C 172 -14.44 15.51 -7.01
CA LYS C 172 -13.85 15.44 -8.32
C LYS C 172 -14.30 14.18 -9.07
N TYR C 173 -14.34 13.02 -8.41
CA TYR C 173 -14.67 11.76 -9.09
C TYR C 173 -16.16 11.41 -9.07
N GLY C 174 -16.99 12.34 -8.63
CA GLY C 174 -18.44 12.23 -8.81
C GLY C 174 -19.22 11.53 -7.71
N ILE C 175 -18.62 11.37 -6.54
CA ILE C 175 -19.26 10.61 -5.46
C ILE C 175 -20.54 11.37 -5.06
N LEU C 176 -21.67 10.69 -5.07
CA LEU C 176 -22.97 11.26 -4.75
C LEU C 176 -23.25 11.38 -3.26
N GLY C 177 -22.73 10.42 -2.48
CA GLY C 177 -23.04 10.34 -1.05
C GLY C 177 -21.93 9.65 -0.28
N VAL C 178 -21.70 10.12 0.94
CA VAL C 178 -20.78 9.51 1.86
C VAL C 178 -21.57 8.84 2.97
N GLU C 179 -21.41 7.54 3.09
CA GLU C 179 -22.01 6.80 4.19
C GLU C 179 -20.96 5.83 4.77
N MET C 180 -21.35 4.70 5.39
CA MET C 180 -20.38 3.85 6.09
C MET C 180 -20.57 2.34 5.89
N GLU C 181 -21.23 1.91 4.83
CA GLU C 181 -21.73 0.51 4.75
C GLU C 181 -21.73 -0.19 3.39
N ALA C 182 -22.22 0.50 2.38
CA ALA C 182 -22.46 -0.05 1.03
C ALA C 182 -21.36 -0.97 0.52
N ALA C 183 -20.11 -0.53 0.56
CA ALA C 183 -19.02 -1.33 0.02
C ALA C 183 -18.84 -2.61 0.76
N GLY C 184 -19.14 -2.58 2.05
CA GLY C 184 -19.09 -3.77 2.90
C GLY C 184 -20.20 -4.74 2.57
N ILE C 185 -21.41 -4.21 2.44
CA ILE C 185 -22.59 -4.99 2.08
C ILE C 185 -22.45 -5.60 0.68
N TYR C 186 -21.97 -4.82 -0.29
CA TYR C 186 -21.76 -5.32 -1.64
C TYR C 186 -20.68 -6.40 -1.66
N GLY C 187 -19.67 -6.27 -0.80
CA GLY C 187 -18.62 -7.29 -0.69
C GLY C 187 -19.10 -8.62 -0.15
N VAL C 188 -19.86 -8.57 0.94
CA VAL C 188 -20.52 -9.74 1.52
C VAL C 188 -21.44 -10.39 0.50
N ALA C 189 -22.26 -9.59 -0.18
CA ALA C 189 -23.16 -10.11 -1.22
C ALA C 189 -22.39 -10.88 -2.30
N ALA C 190 -21.26 -10.34 -2.74
CA ALA C 190 -20.44 -11.06 -3.72
C ALA C 190 -19.77 -12.29 -3.08
N GLU C 191 -19.25 -12.17 -1.86
CA GLU C 191 -18.62 -13.34 -1.22
C GLU C 191 -19.56 -14.54 -1.09
N PHE C 192 -20.81 -14.29 -0.73
CA PHE C 192 -21.75 -15.36 -0.35
C PHE C 192 -22.87 -15.55 -1.35
N GLY C 193 -22.77 -14.91 -2.52
CA GLY C 193 -23.64 -15.17 -3.66
C GLY C 193 -25.06 -14.61 -3.58
N ALA C 194 -25.29 -13.48 -2.93
CA ALA C 194 -26.61 -12.88 -2.93
C ALA C 194 -26.57 -11.52 -3.57
N LYS C 195 -27.62 -10.73 -3.41
CA LYS C 195 -27.77 -9.48 -4.10
C LYS C 195 -28.06 -8.37 -3.11
N ALA C 196 -27.57 -7.16 -3.41
CA ALA C 196 -27.63 -6.04 -2.50
C ALA C 196 -27.82 -4.72 -3.22
N LEU C 197 -28.48 -3.81 -2.53
CA LEU C 197 -28.59 -2.42 -2.94
C LEU C 197 -28.55 -1.51 -1.71
N THR C 198 -27.94 -0.35 -1.87
CA THR C 198 -28.00 0.69 -0.87
C THR C 198 -28.70 1.92 -1.45
N ILE C 199 -29.74 2.37 -0.77
CA ILE C 199 -30.39 3.62 -1.08
C ILE C 199 -30.18 4.50 0.13
N CYS C 200 -29.82 5.75 -0.11
CA CYS C 200 -29.59 6.71 0.92
C CYS C 200 -30.32 8.03 0.61
N THR C 201 -30.56 8.74 1.70
CA THR C 201 -31.21 10.00 1.69
C THR C 201 -30.13 11.01 2.14
N VAL C 202 -29.96 12.11 1.40
CA VAL C 202 -28.92 13.09 1.78
C VAL C 202 -29.38 13.85 3.02
N SER C 203 -28.68 13.66 4.15
CA SER C 203 -29.05 14.34 5.41
C SER C 203 -28.05 15.41 5.85
N ASP C 204 -27.02 15.65 5.05
CA ASP C 204 -25.96 16.57 5.42
C ASP C 204 -25.23 16.94 4.13
N HIS C 205 -24.66 18.12 4.09
CA HIS C 205 -23.88 18.56 2.96
C HIS C 205 -22.61 19.09 3.57
N ILE C 206 -21.49 18.53 3.16
CA ILE C 206 -20.21 18.78 3.80
C ILE C 206 -19.54 19.84 2.92
N ARG C 207 -20.17 21.03 2.95
CA ARG C 207 -19.82 22.19 2.13
C ARG C 207 -20.50 23.42 2.76
N THR C 208 -21.75 23.75 2.35
CA THR C 208 -22.55 24.76 3.08
C THR C 208 -23.39 23.98 4.13
N HIS C 209 -24.65 23.53 3.98
CA HIS C 209 -25.78 24.02 3.17
C HIS C 209 -26.60 24.74 4.26
N GLU C 210 -27.92 24.81 4.14
CA GLU C 210 -28.80 25.10 5.30
C GLU C 210 -29.18 23.77 6.00
N GLN C 211 -30.30 23.73 6.74
CA GLN C 211 -30.87 22.44 7.20
C GLN C 211 -32.40 22.35 7.01
N THR C 212 -32.99 21.29 7.55
CA THR C 212 -34.38 20.91 7.29
C THR C 212 -35.16 20.75 8.58
N THR C 213 -36.48 20.57 8.46
CA THR C 213 -37.38 20.33 9.58
C THR C 213 -37.59 18.82 9.81
N ALA C 214 -38.00 18.45 11.02
CA ALA C 214 -38.32 17.06 11.33
C ALA C 214 -39.45 16.48 10.45
N ALA C 215 -40.40 17.31 10.03
CA ALA C 215 -41.49 16.88 9.16
C ALA C 215 -40.98 16.55 7.75
N GLU C 216 -40.07 17.37 7.25
CA GLU C 216 -39.38 17.13 5.98
C GLU C 216 -38.52 15.86 6.03
N ARG C 217 -37.73 15.69 7.09
CA ARG C 217 -36.92 14.48 7.25
C ARG C 217 -37.76 13.20 7.25
N GLN C 218 -38.90 13.24 7.93
CA GLN C 218 -39.79 12.10 8.02
C GLN C 218 -40.37 11.78 6.65
N THR C 219 -40.81 12.81 5.93
CA THR C 219 -41.36 12.64 4.57
C THR C 219 -40.36 11.94 3.64
N THR C 220 -39.10 12.39 3.62
CA THR C 220 -38.16 11.80 2.67
C THR C 220 -37.74 10.43 3.10
N PHE C 221 -37.62 10.22 4.42
CA PHE C 221 -37.39 8.89 4.93
C PHE C 221 -38.50 7.93 4.48
N ASN C 222 -39.76 8.35 4.63
CA ASN C 222 -40.92 7.57 4.17
C ASN C 222 -40.87 7.31 2.64
N ASP C 223 -40.53 8.34 1.88
CA ASP C 223 -40.30 8.24 0.44
C ASP C 223 -39.23 7.18 0.12
N MET C 224 -38.08 7.23 0.82
CA MET C 224 -37.03 6.23 0.60
C MET C 224 -37.55 4.82 0.85
N ILE C 225 -38.30 4.64 1.94
CA ILE C 225 -38.82 3.32 2.29
C ILE C 225 -39.87 2.84 1.30
N LYS C 226 -40.77 3.74 0.88
CA LYS C 226 -41.67 3.45 -0.22
C LYS C 226 -40.90 2.99 -1.45
N ILE C 227 -39.88 3.75 -1.85
CA ILE C 227 -39.04 3.37 -2.99
C ILE C 227 -38.49 1.95 -2.78
N ALA C 228 -37.91 1.67 -1.61
CA ALA C 228 -37.36 0.32 -1.37
C ALA C 228 -38.43 -0.78 -1.47
N LEU C 229 -39.57 -0.55 -0.84
CA LEU C 229 -40.62 -1.56 -0.79
C LEU C 229 -41.25 -1.82 -2.17
N GLU C 230 -41.52 -0.75 -2.92
CA GLU C 230 -42.07 -0.87 -4.27
C GLU C 230 -41.05 -1.50 -5.23
N SER C 231 -39.76 -1.19 -5.05
CA SER C 231 -38.70 -1.78 -5.87
C SER C 231 -38.69 -3.31 -5.77
N VAL C 232 -38.95 -3.82 -4.57
CA VAL C 232 -39.02 -5.26 -4.34
C VAL C 232 -40.12 -5.89 -5.19
N LEU C 233 -41.29 -5.24 -5.22
CA LEU C 233 -42.44 -5.74 -5.98
C LEU C 233 -42.16 -5.73 -7.48
N LEU C 234 -41.50 -4.69 -7.98
CA LEU C 234 -41.09 -4.70 -9.39
C LEU C 234 -40.13 -5.86 -9.64
N GLY C 235 -39.23 -6.11 -8.69
CA GLY C 235 -38.26 -7.20 -8.79
C GLY C 235 -38.86 -8.57 -8.91
N ASP C 236 -39.97 -8.81 -8.23
CA ASP C 236 -40.70 -10.08 -8.31
C ASP C 236 -41.38 -10.32 -9.68
N LYS C 237 -41.43 -9.30 -10.54
CA LYS C 237 -41.93 -9.36 -11.93
C LYS C 237 -40.83 -9.11 -13.00
C3' AC2 D . 22.22 6.97 16.30
C3' AC2 D . 20.30 4.33 16.59
O3' AC2 D . 22.30 8.39 16.33
O3' AC2 D . 20.70 3.14 17.25
C2' AC2 D . 21.17 6.56 17.28
C2' AC2 D . 19.13 4.94 17.35
O1' AC2 D . 19.92 6.70 16.62
O1' AC2 D . 19.30 6.35 17.31
C1' AC2 D . 18.83 6.73 17.56
C1' AC2 D . 18.73 6.99 18.44
N9 AC2 D . 18.28 8.09 17.58
N9 AC2 D . 18.57 8.42 18.21
C8 AC2 D . 18.53 9.04 18.50
C8 AC2 D . 19.10 9.46 18.92
N7 AC2 D . 17.88 10.19 18.20
N7 AC2 D . 18.72 10.65 18.40
C5 AC2 D . 17.19 9.98 17.05
C5 AC2 D . 17.93 10.40 17.34
C6 AC2 D . 16.30 10.77 16.17
C6 AC2 D . 17.18 11.19 16.34
O6 AC2 D . 16.02 11.96 16.45
O6 AC2 D . 17.23 12.44 16.40
N1 AC2 D . 15.81 10.18 15.08
N1 AC2 D . 16.48 10.54 15.41
C2 AC2 D . 16.12 8.90 14.77
C2 AC2 D . 16.44 9.19 15.36
N2 AC2 D . 15.59 8.36 13.65
N2 AC2 D . 15.72 8.58 14.39
N3 AC2 D . 16.92 8.12 15.53
N3 AC2 D . 17.09 8.38 16.24
C4 AC2 D . 17.48 8.60 16.65
C4 AC2 D . 17.84 8.93 17.22
S SO4 E . 21.64 4.21 20.43
O1 SO4 E . 22.09 3.77 19.09
O2 SO4 E . 20.28 4.76 20.45
O3 SO4 E . 21.68 3.04 21.35
O4 SO4 E . 22.56 5.26 20.91
C3' AC2 F . 3.60 7.78 -26.54
C3' AC2 F . 4.55 5.33 -25.28
O3' AC2 F . 2.77 8.90 -26.79
O3' AC2 F . 4.26 4.14 -26.01
C2' AC2 F . 4.02 7.81 -25.08
C2' AC2 F . 3.94 6.53 -26.01
O1' AC2 F . 4.97 6.79 -24.80
O1' AC2 F . 4.93 7.53 -26.23
C1' AC2 F . 6.30 7.30 -24.61
C1' AC2 F . 5.79 7.66 -25.09
N9 AC2 F . 6.27 8.70 -24.20
N9 AC2 F . 5.74 9.03 -24.58
C8 AC2 F . 6.81 9.73 -24.90
C8 AC2 F . 6.03 10.15 -25.28
N7 AC2 F . 6.59 10.91 -24.27
N7 AC2 F . 5.88 11.25 -24.51
C5 AC2 F . 5.92 10.63 -23.14
C5 AC2 F . 5.49 10.85 -23.29
C6 AC2 F . 5.39 11.44 -22.03
C6 AC2 F . 5.17 11.50 -22.01
O6 AC2 F . 5.56 12.67 -22.02
O6 AC2 F . 5.22 12.75 -21.93
N1 AC2 F . 4.76 10.80 -21.03
N1 AC2 F . 4.81 10.75 -20.97
C2 AC2 F . 4.60 9.47 -21.05
C2 AC2 F . 4.74 9.41 -21.07
N2 AC2 F . 3.94 8.88 -20.01
N2 AC2 F . 4.38 8.70 -19.97
N3 AC2 F . 5.05 8.66 -22.04
N3 AC2 F . 5.02 8.73 -22.21
C4 AC2 F . 5.71 9.19 -23.10
C4 AC2 F . 5.41 9.39 -23.33
S SO4 G . 6.70 5.09 -28.51
O1 SO4 G . 7.55 3.95 -28.89
O2 SO4 G . 5.30 4.65 -28.48
O3 SO4 G . 7.14 5.50 -27.18
O4 SO4 G . 6.75 6.28 -29.37
C3' AC2 H . -23.29 7.86 10.42
C3' AC2 H . -24.02 5.79 9.05
O3' AC2 H . -24.40 8.34 11.18
O3' AC2 H . -24.44 4.44 9.30
C2' AC2 H . -23.64 6.65 9.54
C2' AC2 H . -24.50 6.77 10.14
O1' AC2 H . -24.47 7.02 8.43
O1' AC2 H . -24.96 8.00 9.54
C1' AC2 H . -23.78 7.22 7.21
C1' AC2 H . -24.61 8.08 8.13
N9 AC2 H . -23.60 8.66 7.03
N9 AC2 H . -24.16 9.43 7.75
C8 AC2 H . -24.61 9.55 6.94
C8 AC2 H . -24.93 10.53 7.69
N7 AC2 H . -24.13 10.81 6.78
N7 AC2 H . -24.19 11.61 7.29
C5 AC2 H . -22.79 10.73 6.78
C5 AC2 H . -22.92 11.20 7.09
C6 AC2 H . -21.67 11.70 6.66
C6 AC2 H . -21.63 11.82 6.68
O6 AC2 H . -21.89 12.93 6.52
O6 AC2 H . -21.54 13.03 6.41
N1 AC2 H . -20.42 11.23 6.71
N1 AC2 H . -20.54 11.03 6.61
C2 AC2 H . -20.17 9.92 6.86
C2 AC2 H . -20.60 9.72 6.89
N2 AC2 H . -18.87 9.56 6.89
N2 AC2 H . -19.46 9.01 6.78
N3 AC2 H . -21.13 8.97 6.98
N3 AC2 H . -21.73 9.08 7.27
C4 AC2 H . -22.44 9.31 6.95
C4 AC2 H . -22.90 9.75 7.40
S SO4 I . -27.87 5.20 8.75
O1 SO4 I . -27.03 5.63 7.59
O2 SO4 I . -28.83 4.20 8.29
O3 SO4 I . -26.98 4.61 9.78
O4 SO4 I . -28.58 6.36 9.26
S SO4 J . -45.23 11.80 5.15
O1 SO4 J . -44.57 10.63 4.50
O2 SO4 J . -46.67 11.69 4.87
O3 SO4 J . -44.92 11.76 6.60
O4 SO4 J . -44.77 13.06 4.55
S SO4 K . -42.28 18.60 1.51
O1 SO4 K . -42.28 17.28 0.82
O2 SO4 K . -43.61 19.24 1.33
O3 SO4 K . -42.00 18.37 2.95
O4 SO4 K . -41.25 19.49 0.91
#